data_1DML
#
_entry.id   1DML
#
_cell.length_a   54.320
_cell.length_b   100.070
_cell.length_c   129.530
_cell.angle_alpha   90.00
_cell.angle_beta   100.62
_cell.angle_gamma   90.00
#
_symmetry.space_group_name_H-M   'P 1 21 1'
#
loop_
_entity.id
_entity.type
_entity.pdbx_description
1 polymer 'DNA POLYMERASE PROCESSIVITY FACTOR'
2 polymer 'DNA POLYMERASE'
#
loop_
_entity_poly.entity_id
_entity_poly.type
_entity_poly.pdbx_seq_one_letter_code
_entity_poly.pdbx_strand_id
1 'polypeptide(L)'
;MTDSPGGVAPASPVEDASDASLGQPEEGAPCQVVLQGAELNGILQAFAPLRTSLLDSLLVMGDRGILIHNTIFGEQVFLP
LEHSQFSRYRWRGPTAAFLSLVDQKRSLLSVFRANQYPDLRRVELAITGQAPFRTLVQRIWTTTSDGEAVELASETLMKR
ELTSFVVLVPQGTPDVQLRLTRPQLTKVLNATGADSATPTTFELGVNGKFSVFTTSTCVTFAAREEGVSSSTSTQVQILS
NALTKAGQAAANAKTVYGENTHRTFSVVVDDCSMRAVLRRLQVGGGTLKFFLTTPVPSLCVTATGPNAVSAVFLLKPQK
;
A,C,E,G
2 'polypeptide(L)' DDVAARLRAAGFGAVGAGATAEETRRMLHRAFDTLA B,D,F,H
#
# COMPACT_ATOMS: atom_id res chain seq x y z
N ALA A 29 1.28 12.53 33.77
CA ALA A 29 2.46 11.98 33.03
C ALA A 29 3.16 13.06 32.23
N PRO A 30 4.49 13.15 32.35
CA PRO A 30 5.32 14.14 31.65
C PRO A 30 4.99 14.36 30.17
N CYS A 31 4.74 13.27 29.44
CA CYS A 31 4.40 13.41 28.03
C CYS A 31 3.01 12.87 27.77
N GLN A 32 2.15 13.73 27.24
CA GLN A 32 0.77 13.37 26.94
C GLN A 32 0.37 13.79 25.55
N VAL A 33 -0.35 12.90 24.87
CA VAL A 33 -0.84 13.13 23.53
C VAL A 33 -2.26 12.61 23.45
N VAL A 34 -3.19 13.47 23.04
CA VAL A 34 -4.58 13.08 22.96
C VAL A 34 -5.25 13.28 21.61
N LEU A 35 -5.96 12.26 21.14
CA LEU A 35 -6.68 12.31 19.88
C LEU A 35 -8.15 12.05 20.21
N GLN A 36 -8.98 13.03 19.89
CA GLN A 36 -10.40 12.96 20.17
C GLN A 36 -11.10 13.79 19.11
N GLY A 37 -12.41 13.62 19.00
CA GLY A 37 -13.20 14.35 18.03
C GLY A 37 -12.56 14.72 16.69
N ALA A 38 -12.48 16.01 16.43
CA ALA A 38 -11.90 16.52 15.19
C ALA A 38 -10.52 15.95 14.86
N GLU A 39 -9.56 16.14 15.75
CA GLU A 39 -8.22 15.67 15.47
C GLU A 39 -8.09 14.18 15.28
N LEU A 40 -8.89 13.39 15.99
CA LEU A 40 -8.84 11.94 15.80
C LEU A 40 -9.36 11.67 14.39
N ASN A 41 -10.33 12.46 13.95
CA ASN A 41 -10.90 12.28 12.63
C ASN A 41 -9.85 12.63 11.59
N GLY A 42 -9.05 13.65 11.92
CA GLY A 42 -8.00 14.06 11.02
C GLY A 42 -6.93 12.98 10.88
N ILE A 43 -6.53 12.40 12.01
CA ILE A 43 -5.51 11.36 11.96
C ILE A 43 -6.01 10.13 11.24
N LEU A 44 -7.29 9.83 11.45
CA LEU A 44 -7.91 8.67 10.81
C LEU A 44 -7.92 8.88 9.31
N GLN A 45 -8.12 10.12 8.87
CA GLN A 45 -8.15 10.38 7.44
C GLN A 45 -6.73 10.32 6.87
N ALA A 46 -5.79 10.81 7.65
CA ALA A 46 -4.40 10.78 7.23
C ALA A 46 -3.99 9.33 6.96
N PHE A 47 -4.41 8.40 7.81
CA PHE A 47 -4.04 7.01 7.65
C PHE A 47 -4.85 6.21 6.61
N ALA A 48 -6.06 6.66 6.31
CA ALA A 48 -6.92 5.94 5.38
C ALA A 48 -6.17 5.50 4.11
N PRO A 49 -5.72 6.45 3.29
CA PRO A 49 -5.00 6.06 2.07
C PRO A 49 -3.72 5.25 2.30
N LEU A 50 -3.18 5.31 3.51
CA LEU A 50 -1.95 4.59 3.80
C LEU A 50 -2.13 3.12 4.07
N ARG A 51 -3.37 2.69 4.35
CA ARG A 51 -3.64 1.28 4.61
C ARG A 51 -2.64 0.72 5.64
N THR A 52 -2.07 -0.45 5.38
CA THR A 52 -1.12 -1.05 6.33
C THR A 52 0.35 -0.66 6.12
N SER A 53 0.61 0.24 5.19
CA SER A 53 1.97 0.67 4.86
C SER A 53 2.87 1.15 5.98
N LEU A 54 2.29 1.67 7.07
CA LEU A 54 3.12 2.16 8.17
C LEU A 54 2.92 1.47 9.50
N LEU A 55 2.24 0.32 9.50
CA LEU A 55 1.98 -0.44 10.72
C LEU A 55 3.27 -0.85 11.40
N ASP A 56 4.26 -1.23 10.58
CA ASP A 56 5.57 -1.63 11.06
C ASP A 56 6.48 -0.42 10.79
N SER A 57 6.68 0.42 11.79
CA SER A 57 7.50 1.61 11.60
C SER A 57 8.17 2.11 12.87
N LEU A 58 8.91 3.19 12.74
CA LEU A 58 9.60 3.77 13.86
C LEU A 58 8.85 5.02 14.24
N LEU A 59 8.48 5.14 15.51
CA LEU A 59 7.78 6.33 15.98
C LEU A 59 8.78 7.24 16.66
N VAL A 60 9.02 8.40 16.07
CA VAL A 60 9.98 9.35 16.64
C VAL A 60 9.23 10.54 17.22
N MET A 61 9.08 10.54 18.53
CA MET A 61 8.34 11.58 19.23
C MET A 61 9.22 12.64 19.89
N GLY A 62 8.77 13.89 19.77
CA GLY A 62 9.48 15.02 20.34
C GLY A 62 8.58 16.23 20.45
N ASP A 63 9.14 17.37 20.81
CA ASP A 63 8.33 18.57 20.96
C ASP A 63 7.67 19.09 19.70
N ARG A 64 8.02 18.53 18.55
CA ARG A 64 7.45 19.01 17.30
C ARG A 64 6.30 18.16 16.77
N GLY A 65 6.18 16.93 17.29
CA GLY A 65 5.12 16.04 16.86
C GLY A 65 5.67 14.64 16.73
N ILE A 66 4.95 13.76 16.05
CA ILE A 66 5.44 12.40 15.88
C ILE A 66 5.88 12.17 14.43
N LEU A 67 7.14 11.75 14.26
CA LEU A 67 7.66 11.48 12.94
C LEU A 67 7.68 9.98 12.80
N ILE A 68 6.90 9.48 11.85
CA ILE A 68 6.76 8.06 11.60
C ILE A 68 7.63 7.74 10.43
N HIS A 69 8.63 6.89 10.65
CA HIS A 69 9.54 6.54 9.58
C HIS A 69 9.51 5.08 9.20
N ASN A 70 9.76 4.83 7.91
CA ASN A 70 9.71 3.50 7.34
C ASN A 70 10.62 3.45 6.12
N THR A 71 10.63 2.27 5.51
CA THR A 71 11.35 2.02 4.28
C THR A 71 10.36 1.18 3.50
N ILE A 72 10.08 1.58 2.27
CA ILE A 72 9.16 0.82 1.41
C ILE A 72 9.88 0.53 0.11
N PHE A 73 9.98 -0.75 -0.22
CA PHE A 73 10.70 -1.19 -1.42
C PHE A 73 12.07 -0.54 -1.37
N GLY A 74 12.63 -0.42 -0.16
CA GLY A 74 13.94 0.15 0.00
C GLY A 74 14.04 1.67 0.08
N GLU A 75 12.98 2.37 -0.29
CA GLU A 75 12.99 3.83 -0.29
C GLU A 75 12.58 4.46 1.04
N GLN A 76 13.15 5.61 1.35
CA GLN A 76 12.89 6.34 2.58
C GLN A 76 11.49 6.91 2.56
N VAL A 77 10.74 6.60 3.61
CA VAL A 77 9.36 7.06 3.73
C VAL A 77 9.16 7.73 5.08
N PHE A 78 8.53 8.89 5.07
CA PHE A 78 8.26 9.62 6.32
C PHE A 78 6.82 10.16 6.38
N LEU A 79 6.27 10.22 7.58
CA LEU A 79 4.94 10.78 7.77
C LEU A 79 5.00 11.63 9.03
N PRO A 80 5.02 12.95 8.87
CA PRO A 80 5.07 13.85 10.03
C PRO A 80 3.70 14.24 10.54
N LEU A 81 3.51 14.11 11.85
CA LEU A 81 2.26 14.48 12.49
C LEU A 81 2.60 15.65 13.40
N GLU A 82 2.39 16.85 12.90
CA GLU A 82 2.68 18.07 13.66
C GLU A 82 1.92 18.02 14.97
N HIS A 83 2.55 18.48 16.04
CA HIS A 83 1.88 18.48 17.33
C HIS A 83 0.51 19.15 17.23
N SER A 84 0.43 20.20 16.43
CA SER A 84 -0.81 20.93 16.23
C SER A 84 -1.95 20.11 15.64
N GLN A 85 -1.68 18.87 15.28
CA GLN A 85 -2.73 18.05 14.69
C GLN A 85 -3.44 17.19 15.72
N PHE A 86 -3.04 17.33 16.98
CA PHE A 86 -3.64 16.54 18.04
C PHE A 86 -4.55 17.38 18.90
N SER A 87 -5.46 16.74 19.62
CA SER A 87 -6.38 17.45 20.50
C SER A 87 -5.54 18.12 21.59
N ARG A 88 -4.54 17.37 22.04
CA ARG A 88 -3.63 17.87 23.06
C ARG A 88 -2.28 17.18 22.82
N TYR A 89 -1.20 17.94 23.00
CA TYR A 89 0.14 17.43 22.78
C TYR A 89 1.05 18.14 23.75
N ARG A 90 1.64 17.38 24.67
CA ARG A 90 2.53 17.93 25.67
C ARG A 90 3.79 17.06 25.70
N TRP A 91 4.94 17.69 25.47
CA TRP A 91 6.20 16.94 25.46
C TRP A 91 7.31 17.57 26.26
N ARG A 92 7.96 16.75 27.07
CA ARG A 92 9.07 17.22 27.88
C ARG A 92 10.19 16.21 27.89
N GLY A 93 11.42 16.71 27.92
CA GLY A 93 12.58 15.83 27.93
C GLY A 93 13.07 15.47 26.56
N PRO A 94 14.15 14.68 26.48
CA PRO A 94 14.72 14.28 25.19
C PRO A 94 13.71 13.60 24.26
N THR A 95 14.04 13.59 22.97
CA THR A 95 13.17 12.97 21.99
C THR A 95 13.17 11.47 22.26
N ALA A 96 12.10 10.77 21.88
CA ALA A 96 12.01 9.32 22.14
C ALA A 96 11.49 8.54 20.95
N ALA A 97 12.05 7.36 20.71
CA ALA A 97 11.61 6.55 19.60
C ALA A 97 11.07 5.20 20.04
N PHE A 98 10.00 4.74 19.38
CA PHE A 98 9.40 3.44 19.68
C PHE A 98 9.11 2.64 18.40
N LEU A 99 9.20 1.32 18.50
CA LEU A 99 8.88 0.45 17.38
C LEU A 99 7.36 0.37 17.47
N SER A 100 6.67 0.67 16.38
CA SER A 100 5.22 0.65 16.41
C SER A 100 4.62 -0.72 16.74
N LEU A 101 5.33 -1.80 16.44
CA LEU A 101 4.80 -3.13 16.70
C LEU A 101 5.03 -3.60 18.12
N VAL A 102 3.95 -3.93 18.83
CA VAL A 102 4.06 -4.45 20.19
C VAL A 102 4.19 -5.96 20.01
N ASP A 103 3.82 -6.45 18.83
CA ASP A 103 3.94 -7.86 18.48
C ASP A 103 3.65 -8.00 16.99
N GLN A 104 4.13 -9.09 16.39
CA GLN A 104 3.98 -9.34 14.96
C GLN A 104 2.70 -8.83 14.29
N LYS A 105 1.55 -9.13 14.86
CA LYS A 105 0.30 -8.73 14.25
C LYS A 105 -0.35 -7.47 14.81
N ARG A 106 0.21 -6.90 15.87
CA ARG A 106 -0.41 -5.70 16.48
C ARG A 106 0.55 -4.53 16.55
N SER A 107 0.03 -3.34 16.25
CA SER A 107 0.81 -2.12 16.19
C SER A 107 0.15 -0.93 16.89
N LEU A 108 0.96 0.03 17.32
CA LEU A 108 0.50 1.24 17.97
C LEU A 108 -0.26 2.14 16.99
N LEU A 109 -0.19 1.79 15.71
CA LEU A 109 -0.89 2.55 14.69
C LEU A 109 -2.07 1.73 14.17
N SER A 110 -2.38 0.62 14.85
CA SER A 110 -3.52 -0.20 14.41
C SER A 110 -4.85 0.48 14.70
N VAL A 111 -4.90 1.33 15.72
CA VAL A 111 -6.14 2.04 16.03
C VAL A 111 -6.58 2.83 14.80
N PHE A 112 -5.62 3.55 14.24
CA PHE A 112 -5.88 4.40 13.10
C PHE A 112 -6.18 3.64 11.84
N ARG A 113 -6.05 2.33 11.91
CA ARG A 113 -6.33 1.48 10.76
C ARG A 113 -7.83 1.73 10.38
N ALA A 114 -8.08 1.88 9.08
CA ALA A 114 -9.41 2.17 8.51
C ALA A 114 -10.67 1.87 9.34
N ASN A 115 -11.07 0.60 9.44
CA ASN A 115 -12.29 0.29 10.19
C ASN A 115 -12.11 -0.73 11.29
N GLN A 116 -10.88 -0.85 11.79
CA GLN A 116 -10.62 -1.82 12.84
C GLN A 116 -11.29 -1.48 14.17
N TYR A 117 -11.53 -0.19 14.41
CA TYR A 117 -12.18 0.27 15.64
C TYR A 117 -13.43 1.07 15.33
N PRO A 118 -14.50 0.38 14.94
CA PRO A 118 -15.80 0.99 14.59
C PRO A 118 -16.33 2.06 15.55
N ASP A 119 -16.35 1.75 16.84
CA ASP A 119 -16.85 2.69 17.83
C ASP A 119 -15.79 3.60 18.43
N LEU A 120 -14.65 3.71 17.74
CA LEU A 120 -13.53 4.53 18.23
C LEU A 120 -13.89 5.95 18.66
N ARG A 121 -13.61 6.29 19.91
CA ARG A 121 -13.93 7.61 20.42
C ARG A 121 -12.71 8.40 20.88
N ARG A 122 -11.80 7.73 21.56
CA ARG A 122 -10.63 8.42 22.07
C ARG A 122 -9.36 7.57 22.07
N VAL A 123 -8.23 8.22 21.83
CA VAL A 123 -6.93 7.56 21.82
C VAL A 123 -5.98 8.45 22.60
N GLU A 124 -5.31 7.88 23.60
CA GLU A 124 -4.39 8.65 24.42
C GLU A 124 -3.01 8.01 24.50
N LEU A 125 -1.97 8.84 24.43
CA LEU A 125 -0.61 8.34 24.53
C LEU A 125 0.02 8.99 25.74
N ALA A 126 0.70 8.18 26.55
CA ALA A 126 1.35 8.70 27.72
C ALA A 126 2.73 8.09 27.77
N ILE A 127 3.72 8.95 27.96
CA ILE A 127 5.10 8.50 28.06
C ILE A 127 5.58 8.87 29.45
N THR A 128 5.96 7.88 30.23
CA THR A 128 6.43 8.11 31.59
C THR A 128 7.86 7.64 31.78
N GLY A 129 8.52 8.18 32.80
CA GLY A 129 9.88 7.75 33.10
C GLY A 129 10.94 8.73 32.62
N GLN A 130 12.17 8.27 32.57
CA GLN A 130 13.27 9.11 32.10
C GLN A 130 14.17 8.36 31.14
N ALA A 131 14.68 9.07 30.16
CA ALA A 131 15.57 8.49 29.17
C ALA A 131 16.69 7.79 29.93
N PRO A 132 17.12 6.62 29.46
CA PRO A 132 16.59 5.93 28.28
C PRO A 132 15.55 4.85 28.62
N PHE A 133 14.86 5.00 29.75
CA PHE A 133 13.89 3.99 30.17
C PHE A 133 12.43 4.43 30.30
N ARG A 134 11.99 5.30 29.39
CA ARG A 134 10.61 5.77 29.43
C ARG A 134 9.70 4.69 28.83
N THR A 135 8.42 4.71 29.18
CA THR A 135 7.49 3.74 28.64
C THR A 135 6.29 4.44 28.05
N LEU A 136 5.83 3.92 26.92
CA LEU A 136 4.71 4.46 26.19
C LEU A 136 3.54 3.55 26.50
N VAL A 137 2.45 4.14 26.98
CA VAL A 137 1.23 3.40 27.25
C VAL A 137 0.14 4.03 26.40
N GLN A 138 -0.41 3.25 25.48
CA GLN A 138 -1.45 3.75 24.60
C GLN A 138 -2.77 3.19 25.07
N ARG A 139 -3.71 4.09 25.36
CA ARG A 139 -5.03 3.71 25.79
C ARG A 139 -6.08 4.11 24.75
N ILE A 140 -7.01 3.21 24.49
CA ILE A 140 -8.06 3.43 23.51
C ILE A 140 -9.43 3.42 24.17
N TRP A 141 -10.35 4.25 23.67
CA TRP A 141 -11.71 4.33 24.20
C TRP A 141 -12.72 4.31 23.06
N THR A 142 -13.79 3.54 23.24
CA THR A 142 -14.83 3.47 22.23
C THR A 142 -16.14 4.12 22.74
N THR A 143 -17.14 4.18 21.87
CA THR A 143 -18.44 4.77 22.23
C THR A 143 -19.22 3.76 23.06
N THR A 144 -18.60 3.36 24.17
CA THR A 144 -19.16 2.40 25.12
C THR A 144 -18.89 2.92 26.52
N SER A 145 -18.57 4.21 26.62
CA SER A 145 -18.29 4.85 27.89
C SER A 145 -18.28 6.37 27.74
N ASP A 146 -18.08 7.06 28.87
CA ASP A 146 -18.04 8.52 28.89
C ASP A 146 -16.75 9.02 29.51
N GLY A 147 -16.18 10.05 28.90
CA GLY A 147 -14.94 10.62 29.42
C GLY A 147 -13.73 9.72 29.28
N GLU A 148 -12.77 9.89 30.19
CA GLU A 148 -11.53 9.12 30.18
C GLU A 148 -11.11 8.69 31.58
N ALA A 149 -12.02 8.02 32.28
CA ALA A 149 -11.76 7.54 33.64
C ALA A 149 -10.61 6.55 33.63
N VAL A 150 -10.11 6.24 32.44
CA VAL A 150 -9.01 5.29 32.25
C VAL A 150 -9.45 3.86 32.55
N GLU A 151 -9.66 3.56 33.83
CA GLU A 151 -10.09 2.24 34.27
C GLU A 151 -11.26 1.74 33.44
N LEU A 152 -12.16 2.67 33.12
CA LEU A 152 -13.35 2.34 32.33
C LEU A 152 -13.01 1.69 31.00
N ALA A 153 -13.85 1.93 29.99
CA ALA A 153 -13.65 1.36 28.66
C ALA A 153 -12.18 1.45 28.25
N SER A 154 -11.78 0.54 27.35
CA SER A 154 -10.42 0.53 26.86
C SER A 154 -9.95 -0.67 26.04
N GLU A 155 -8.65 -0.62 25.80
CA GLU A 155 -7.85 -1.58 25.06
C GLU A 155 -6.57 -0.81 25.33
N THR A 156 -5.51 -1.47 25.78
CA THR A 156 -4.28 -0.73 26.02
C THR A 156 -3.03 -1.47 25.55
N LEU A 157 -2.09 -0.70 25.03
CA LEU A 157 -0.85 -1.23 24.52
C LEU A 157 0.30 -0.51 25.19
N MET A 158 1.37 -1.24 25.48
CA MET A 158 2.54 -0.64 26.12
C MET A 158 3.82 -0.92 25.33
N LYS A 159 4.73 0.04 25.32
CA LYS A 159 5.99 -0.13 24.61
C LYS A 159 7.12 0.63 25.30
N ARG A 160 8.29 0.01 25.36
CA ARG A 160 9.46 0.63 25.97
C ARG A 160 10.14 1.41 24.86
N GLU A 161 10.72 2.57 25.18
CA GLU A 161 11.41 3.34 24.15
C GLU A 161 12.62 2.53 23.71
N LEU A 162 13.52 3.13 22.93
CA LEU A 162 14.65 2.39 22.41
C LEU A 162 16.07 2.46 23.00
N THR A 163 16.28 3.14 24.12
CA THR A 163 17.63 3.26 24.72
C THR A 163 18.67 3.82 23.74
N SER A 164 18.57 3.38 22.49
CA SER A 164 19.44 3.85 21.43
C SER A 164 18.74 3.63 20.09
N PHE A 165 18.79 4.64 19.23
CA PHE A 165 18.15 4.57 17.91
C PHE A 165 18.76 5.63 16.99
N VAL A 166 18.75 5.39 15.68
CA VAL A 166 19.29 6.35 14.75
C VAL A 166 18.39 6.49 13.52
N VAL A 167 18.19 7.71 13.06
CA VAL A 167 17.36 7.96 11.90
C VAL A 167 17.92 9.10 11.07
N LEU A 168 18.16 8.88 9.79
CA LEU A 168 18.65 9.92 8.90
C LEU A 168 17.38 10.54 8.28
N VAL A 169 17.21 11.83 8.48
CA VAL A 169 16.01 12.49 8.01
C VAL A 169 16.32 13.63 7.06
N PRO A 170 15.42 13.93 6.12
CA PRO A 170 15.73 15.05 5.22
C PRO A 170 15.69 16.42 5.88
N GLN A 171 16.39 17.37 5.30
CA GLN A 171 16.46 18.74 5.82
C GLN A 171 16.82 19.73 4.69
N GLY A 172 16.90 21.00 5.04
CA GLY A 172 17.23 21.99 4.02
C GLY A 172 16.09 22.31 3.07
N THR A 173 16.28 23.37 2.29
CA THR A 173 15.27 23.83 1.35
C THR A 173 15.47 23.32 -0.07
N PRO A 174 14.41 22.78 -0.69
CA PRO A 174 14.54 22.28 -2.06
C PRO A 174 14.83 23.42 -3.05
N ASP A 175 15.66 23.14 -4.04
CA ASP A 175 16.02 24.15 -5.04
C ASP A 175 14.89 24.40 -6.01
N VAL A 176 14.02 23.42 -6.20
CA VAL A 176 12.86 23.58 -7.08
C VAL A 176 11.68 22.79 -6.55
N GLN A 177 10.47 23.33 -6.75
CA GLN A 177 9.26 22.64 -6.33
C GLN A 177 8.21 22.68 -7.45
N LEU A 178 7.63 21.53 -7.72
CA LEU A 178 6.62 21.42 -8.76
C LEU A 178 5.44 20.67 -8.17
N ARG A 179 4.34 21.40 -8.00
CA ARG A 179 3.11 20.87 -7.44
C ARG A 179 2.34 20.24 -8.60
N LEU A 180 1.98 18.98 -8.44
CA LEU A 180 1.23 18.26 -9.49
C LEU A 180 -0.10 17.76 -8.99
N THR A 181 -1.10 17.78 -9.88
CA THR A 181 -2.43 17.29 -9.51
C THR A 181 -2.44 15.76 -9.61
N ARG A 182 -3.48 15.16 -9.07
CA ARG A 182 -3.59 13.72 -9.08
C ARG A 182 -3.29 13.10 -10.46
N PRO A 183 -4.05 13.49 -11.50
CA PRO A 183 -3.82 12.93 -12.85
C PRO A 183 -2.41 13.22 -13.38
N GLN A 184 -1.87 14.37 -13.02
CA GLN A 184 -0.52 14.75 -13.46
C GLN A 184 0.54 13.83 -12.84
N LEU A 185 0.45 13.59 -11.54
CA LEU A 185 1.41 12.74 -10.85
C LEU A 185 1.31 11.34 -11.44
N THR A 186 0.09 10.95 -11.80
CA THR A 186 -0.13 9.63 -12.35
C THR A 186 0.53 9.47 -13.72
N LYS A 187 0.45 10.51 -14.54
CA LYS A 187 1.06 10.47 -15.87
C LYS A 187 2.56 10.32 -15.68
N VAL A 188 3.10 11.11 -14.77
CA VAL A 188 4.53 11.06 -14.47
C VAL A 188 4.93 9.66 -14.05
N LEU A 189 4.30 9.15 -12.99
CA LEU A 189 4.63 7.82 -12.51
C LEU A 189 4.55 6.77 -13.61
N ASN A 190 3.62 6.94 -14.54
CA ASN A 190 3.48 5.96 -15.61
C ASN A 190 4.64 6.08 -16.60
N ALA A 191 5.30 7.21 -16.58
CA ALA A 191 6.43 7.44 -17.48
C ALA A 191 7.74 6.93 -16.91
N THR A 192 7.92 7.06 -15.60
CA THR A 192 9.16 6.60 -14.95
C THR A 192 9.49 5.15 -15.26
N GLY A 193 10.77 4.86 -15.44
CA GLY A 193 11.21 3.51 -15.72
C GLY A 193 11.07 2.61 -14.51
N ALA A 194 11.17 1.29 -14.72
CA ALA A 194 11.02 0.34 -13.63
C ALA A 194 12.13 -0.72 -13.51
N ASP A 195 13.24 -0.51 -14.20
CA ASP A 195 14.35 -1.45 -14.12
C ASP A 195 15.70 -0.78 -14.33
N SER A 196 16.76 -1.47 -13.88
CA SER A 196 18.12 -0.97 -13.98
C SER A 196 18.58 -0.70 -15.40
N ALA A 197 17.87 -1.26 -16.38
CA ALA A 197 18.22 -1.06 -17.79
C ALA A 197 17.42 0.05 -18.45
N THR A 198 16.65 0.79 -17.67
CA THR A 198 15.83 1.87 -18.22
C THR A 198 15.81 3.10 -17.32
N PRO A 199 16.83 3.96 -17.47
CA PRO A 199 16.96 5.19 -16.69
C PRO A 199 15.85 6.21 -16.94
N THR A 200 15.58 7.03 -15.94
CA THR A 200 14.53 8.04 -16.02
C THR A 200 15.10 9.43 -15.80
N THR A 201 14.72 10.35 -16.65
CA THR A 201 15.20 11.71 -16.50
C THR A 201 14.07 12.67 -16.14
N PHE A 202 14.34 13.52 -15.14
CA PHE A 202 13.43 14.56 -14.73
C PHE A 202 14.15 15.78 -15.24
N GLU A 203 13.51 16.50 -16.14
CA GLU A 203 14.15 17.65 -16.75
C GLU A 203 13.31 18.90 -16.75
N LEU A 204 13.86 19.98 -16.21
CA LEU A 204 13.18 21.26 -16.21
C LEU A 204 13.93 22.10 -17.25
N GLY A 205 13.34 22.18 -18.44
CA GLY A 205 13.95 22.91 -19.53
C GLY A 205 13.93 24.42 -19.49
N VAL A 206 14.56 24.99 -20.51
CA VAL A 206 14.67 26.43 -20.68
C VAL A 206 13.39 27.21 -20.42
N ASN A 207 12.39 26.97 -21.26
CA ASN A 207 11.10 27.66 -21.19
C ASN A 207 10.26 27.41 -19.95
N GLY A 208 10.70 26.52 -19.08
CA GLY A 208 9.93 26.21 -17.91
C GLY A 208 9.12 24.98 -18.28
N LYS A 209 9.68 24.22 -19.23
CA LYS A 209 9.06 23.00 -19.70
C LYS A 209 9.52 21.83 -18.83
N PHE A 210 8.59 21.22 -18.11
CA PHE A 210 8.94 20.10 -17.25
C PHE A 210 8.69 18.79 -17.98
N SER A 211 9.69 17.92 -18.01
CA SER A 211 9.55 16.63 -18.67
C SER A 211 10.12 15.46 -17.87
N VAL A 212 9.48 14.31 -18.04
CA VAL A 212 9.92 13.08 -17.38
C VAL A 212 9.92 12.06 -18.52
N PHE A 213 11.02 11.35 -18.71
CA PHE A 213 11.04 10.39 -19.80
C PHE A 213 12.03 9.27 -19.67
N THR A 214 11.85 8.28 -20.53
CA THR A 214 12.71 7.10 -20.58
C THR A 214 12.94 6.90 -22.07
N THR A 215 13.59 5.82 -22.45
CA THR A 215 13.84 5.59 -23.86
C THR A 215 12.60 5.06 -24.57
N SER A 216 11.46 5.09 -23.89
CA SER A 216 10.23 4.60 -24.51
C SER A 216 9.02 5.34 -23.98
N THR A 217 9.24 6.34 -23.15
CA THR A 217 8.12 7.11 -22.62
C THR A 217 8.53 8.53 -22.37
N CYS A 218 7.58 9.44 -22.52
CA CYS A 218 7.80 10.86 -22.27
C CYS A 218 6.51 11.59 -21.92
N VAL A 219 6.64 12.58 -21.04
CA VAL A 219 5.53 13.38 -20.60
C VAL A 219 6.08 14.74 -20.25
N THR A 220 5.36 15.78 -20.65
CA THR A 220 5.81 17.13 -20.41
C THR A 220 4.67 18.07 -20.06
N PHE A 221 4.97 19.02 -19.18
CA PHE A 221 4.03 20.03 -18.73
C PHE A 221 4.75 21.37 -18.80
N ALA A 222 4.01 22.46 -18.59
CA ALA A 222 4.57 23.79 -18.60
C ALA A 222 4.62 24.27 -17.15
N ALA A 223 5.81 24.66 -16.71
CA ALA A 223 5.98 25.11 -15.34
C ALA A 223 5.11 26.32 -15.02
N ARG A 224 5.75 27.45 -14.74
CA ARG A 224 5.08 28.70 -14.39
C ARG A 224 5.04 28.87 -12.88
N GLU A 225 5.71 29.92 -12.42
CA GLU A 225 5.82 30.27 -11.01
C GLU A 225 4.45 30.63 -10.42
N GLU A 226 4.08 29.99 -9.32
CA GLU A 226 2.79 30.28 -8.71
C GLU A 226 2.76 31.70 -8.17
N GLY A 227 1.95 32.55 -8.80
CA GLY A 227 1.81 33.93 -8.37
C GLY A 227 1.05 33.93 -7.05
N ASN A 252 -5.27 23.33 -19.95
CA ASN A 252 -4.44 23.83 -18.86
C ASN A 252 -4.04 22.70 -17.93
N ALA A 253 -4.26 21.47 -18.39
CA ALA A 253 -3.93 20.28 -17.60
C ALA A 253 -2.46 19.97 -17.84
N LYS A 254 -1.83 20.78 -18.68
CA LYS A 254 -0.41 20.58 -18.98
C LYS A 254 0.40 21.63 -18.26
N THR A 255 -0.27 22.39 -17.38
CA THR A 255 0.43 23.41 -16.63
C THR A 255 0.58 22.99 -15.17
N VAL A 256 1.82 22.99 -14.69
CA VAL A 256 2.13 22.61 -13.32
C VAL A 256 2.66 23.85 -12.63
N TYR A 257 2.36 24.01 -11.35
CA TYR A 257 2.85 25.20 -10.63
C TYR A 257 3.96 24.86 -9.65
N GLY A 258 4.89 25.80 -9.47
CA GLY A 258 6.00 25.54 -8.57
C GLY A 258 6.79 26.74 -8.12
N GLU A 259 7.94 26.47 -7.51
CA GLU A 259 8.82 27.49 -6.98
C GLU A 259 10.17 27.43 -7.67
N ASN A 260 10.66 28.57 -8.12
CA ASN A 260 11.95 28.67 -8.81
C ASN A 260 11.92 27.85 -10.09
N THR A 261 10.81 27.96 -10.83
CA THR A 261 10.65 27.21 -12.07
C THR A 261 11.58 27.68 -13.17
N HIS A 262 12.47 28.60 -12.82
CA HIS A 262 13.43 29.14 -13.77
C HIS A 262 14.77 28.41 -13.70
N ARG A 263 14.97 27.64 -12.64
CA ARG A 263 16.21 26.90 -12.43
C ARG A 263 16.13 25.57 -13.18
N THR A 264 16.78 25.51 -14.33
CA THR A 264 16.77 24.28 -15.14
C THR A 264 17.56 23.16 -14.48
N PHE A 265 17.31 21.93 -14.91
CA PHE A 265 18.02 20.76 -14.40
C PHE A 265 17.69 19.53 -15.21
N SER A 266 18.60 18.56 -15.19
CA SER A 266 18.40 17.32 -15.92
C SER A 266 18.91 16.21 -15.02
N VAL A 267 18.04 15.73 -14.15
CA VAL A 267 18.38 14.69 -13.23
C VAL A 267 17.89 13.30 -13.64
N VAL A 268 18.65 12.29 -13.25
CA VAL A 268 18.34 10.91 -13.55
C VAL A 268 18.07 10.13 -12.28
N VAL A 269 17.03 9.32 -12.28
CA VAL A 269 16.73 8.52 -11.11
C VAL A 269 17.34 7.13 -11.35
N ASP A 270 17.94 6.57 -10.29
CA ASP A 270 18.61 5.27 -10.32
C ASP A 270 17.91 4.08 -11.01
N ASP A 271 17.33 3.18 -10.22
CA ASP A 271 16.64 2.01 -10.75
C ASP A 271 15.15 2.31 -10.65
N CYS A 272 14.88 3.53 -10.19
CA CYS A 272 13.53 4.06 -10.01
C CYS A 272 12.46 3.13 -9.46
N SER A 273 12.16 3.30 -8.17
CA SER A 273 11.13 2.52 -7.50
C SER A 273 9.97 3.47 -7.24
N MET A 274 10.11 4.70 -7.71
CA MET A 274 9.10 5.73 -7.52
C MET A 274 7.66 5.27 -7.73
N ARG A 275 7.37 4.72 -8.91
CA ARG A 275 6.02 4.28 -9.18
C ARG A 275 5.54 3.23 -8.17
N ALA A 276 6.30 2.17 -7.96
CA ALA A 276 5.88 1.15 -7.00
C ALA A 276 5.59 1.74 -5.62
N VAL A 277 6.52 2.53 -5.08
CA VAL A 277 6.34 3.12 -3.76
C VAL A 277 5.13 4.06 -3.66
N LEU A 278 5.06 5.03 -4.56
CA LEU A 278 3.96 5.99 -4.52
C LEU A 278 2.60 5.33 -4.76
N ARG A 279 2.59 4.32 -5.61
CA ARG A 279 1.39 3.57 -5.92
C ARG A 279 0.96 2.83 -4.67
N ARG A 280 1.93 2.31 -3.92
CA ARG A 280 1.68 1.58 -2.67
C ARG A 280 1.15 2.54 -1.60
N LEU A 281 1.65 3.76 -1.54
CA LEU A 281 1.18 4.72 -0.56
C LEU A 281 -0.11 5.36 -1.09
N GLN A 282 -0.52 4.95 -2.28
CA GLN A 282 -1.73 5.50 -2.90
C GLN A 282 -1.74 7.03 -2.89
N VAL A 283 -0.59 7.63 -3.18
CA VAL A 283 -0.47 9.08 -3.23
C VAL A 283 -1.39 9.61 -4.33
N GLY A 284 -2.28 10.55 -3.99
CA GLY A 284 -3.18 11.14 -4.98
C GLY A 284 -2.31 12.06 -5.85
N GLY A 285 -2.18 13.31 -5.44
CA GLY A 285 -1.33 14.22 -6.16
C GLY A 285 -0.17 14.52 -5.23
N GLY A 286 0.67 15.47 -5.58
CA GLY A 286 1.78 15.75 -4.70
C GLY A 286 2.68 16.85 -5.21
N THR A 287 3.67 17.17 -4.39
CA THR A 287 4.63 18.20 -4.73
C THR A 287 6.00 17.55 -4.88
N LEU A 288 6.67 17.81 -6.00
CA LEU A 288 8.02 17.28 -6.23
C LEU A 288 9.01 18.33 -5.76
N LYS A 289 9.87 17.96 -4.81
CA LYS A 289 10.88 18.88 -4.27
C LYS A 289 12.25 18.38 -4.69
N PHE A 290 12.99 19.18 -5.43
CA PHE A 290 14.31 18.77 -5.89
C PHE A 290 15.42 19.42 -5.10
N PHE A 291 16.29 18.60 -4.52
CA PHE A 291 17.44 19.10 -3.78
C PHE A 291 18.58 18.78 -4.73
N LEU A 292 18.99 19.80 -5.48
CA LEU A 292 20.01 19.69 -6.52
C LEU A 292 21.48 19.89 -6.16
N THR A 293 21.76 20.63 -5.10
CA THR A 293 23.13 20.92 -4.74
C THR A 293 23.94 19.89 -3.94
N THR A 294 23.32 19.21 -2.98
CA THR A 294 24.06 18.22 -2.17
C THR A 294 24.83 17.25 -3.07
N PRO A 295 25.93 16.67 -2.56
CA PRO A 295 26.74 15.73 -3.34
C PRO A 295 25.88 14.72 -4.10
N VAL A 296 24.84 14.23 -3.44
CA VAL A 296 23.90 13.28 -4.05
C VAL A 296 22.57 13.99 -4.16
N PRO A 297 22.10 14.24 -5.39
CA PRO A 297 20.82 14.92 -5.50
C PRO A 297 19.69 14.04 -4.97
N SER A 298 18.61 14.65 -4.52
CA SER A 298 17.49 13.87 -4.02
C SER A 298 16.15 14.49 -4.38
N LEU A 299 15.19 13.63 -4.65
CA LEU A 299 13.84 14.05 -5.00
C LEU A 299 12.86 13.54 -3.96
N CYS A 300 12.25 14.48 -3.24
CA CYS A 300 11.26 14.14 -2.22
C CYS A 300 9.89 14.46 -2.78
N VAL A 301 8.99 13.47 -2.74
CA VAL A 301 7.62 13.63 -3.19
C VAL A 301 6.69 13.65 -1.97
N THR A 302 6.17 14.82 -1.63
CA THR A 302 5.26 14.93 -0.51
C THR A 302 3.84 14.96 -1.03
N ALA A 303 3.00 14.07 -0.51
CA ALA A 303 1.60 13.98 -0.95
C ALA A 303 0.81 15.27 -0.66
N THR A 304 -0.16 15.57 -1.51
CA THR A 304 -0.98 16.75 -1.31
C THR A 304 -1.99 16.42 -0.22
N GLY A 305 -2.26 17.37 0.66
CA GLY A 305 -3.21 17.13 1.72
C GLY A 305 -2.75 17.66 3.08
N PRO A 306 -3.55 17.48 4.14
CA PRO A 306 -3.23 17.95 5.50
C PRO A 306 -2.04 17.26 6.18
N ASN A 307 -2.09 15.94 6.30
CA ASN A 307 -1.02 15.18 6.95
C ASN A 307 -0.50 14.11 5.99
N ALA A 308 0.04 14.58 4.87
CA ALA A 308 0.55 13.72 3.81
C ALA A 308 1.92 13.09 4.03
N VAL A 309 2.07 11.86 3.57
CA VAL A 309 3.35 11.17 3.66
C VAL A 309 4.27 11.68 2.55
N SER A 310 5.56 11.37 2.69
CA SER A 310 6.57 11.73 1.70
C SER A 310 7.46 10.54 1.47
N ALA A 311 7.90 10.37 0.23
CA ALA A 311 8.84 9.31 -0.12
C ALA A 311 10.06 10.05 -0.68
N VAL A 312 11.25 9.70 -0.24
CA VAL A 312 12.44 10.37 -0.75
C VAL A 312 13.29 9.41 -1.54
N PHE A 313 13.52 9.77 -2.79
CA PHE A 313 14.32 8.98 -3.69
C PHE A 313 15.63 9.71 -3.97
N LEU A 314 16.69 8.95 -4.18
CA LEU A 314 18.00 9.52 -4.48
C LEU A 314 18.27 9.56 -5.97
N LEU A 315 18.78 10.69 -6.46
CA LEU A 315 19.09 10.88 -7.87
C LEU A 315 20.58 10.56 -8.09
N LYS A 316 20.96 10.16 -9.30
CA LYS A 316 22.38 9.85 -9.57
C LYS A 316 23.22 11.11 -9.38
N PRO A 317 24.40 10.99 -8.75
CA PRO A 317 25.27 12.14 -8.53
C PRO A 317 25.83 12.70 -9.82
N GLN A 318 25.90 14.03 -9.93
CA GLN A 318 26.39 14.70 -11.14
C GLN A 318 27.78 15.30 -10.99
N LYS A 319 28.35 15.68 -12.15
CA LYS A 319 29.67 16.31 -12.23
C LYS A 319 30.79 15.28 -12.19
N ASP B 1 26.37 0.88 6.85
CA ASP B 1 25.78 0.35 5.59
C ASP B 1 25.97 1.31 4.42
N ASP B 2 25.69 0.82 3.22
CA ASP B 2 25.82 1.60 1.99
C ASP B 2 24.72 2.66 1.87
N VAL B 3 23.55 2.38 2.43
CA VAL B 3 22.43 3.33 2.37
C VAL B 3 22.66 4.55 3.27
N ALA B 4 23.13 4.31 4.49
CA ALA B 4 23.39 5.41 5.41
C ALA B 4 24.40 6.37 4.77
N ALA B 5 25.40 5.80 4.09
CA ALA B 5 26.42 6.60 3.46
C ALA B 5 25.77 7.40 2.34
N ARG B 6 24.93 6.72 1.56
CA ARG B 6 24.23 7.40 0.47
C ARG B 6 23.33 8.51 1.03
N LEU B 7 22.56 8.21 2.07
CA LEU B 7 21.68 9.24 2.65
C LEU B 7 22.48 10.42 3.23
N ARG B 8 23.65 10.15 3.80
CA ARG B 8 24.46 11.21 4.36
C ARG B 8 24.98 12.10 3.25
N ALA B 9 25.32 11.48 2.13
CA ALA B 9 25.83 12.20 0.96
C ALA B 9 24.70 12.98 0.32
N ALA B 10 23.47 12.67 0.72
CA ALA B 10 22.31 13.35 0.17
C ALA B 10 21.86 14.51 1.07
N GLY B 11 22.57 14.72 2.17
CA GLY B 11 22.21 15.80 3.05
C GLY B 11 21.39 15.44 4.26
N PHE B 12 21.02 14.17 4.40
CA PHE B 12 20.22 13.73 5.53
C PHE B 12 20.89 13.99 6.87
N GLY B 13 20.12 14.52 7.81
CA GLY B 13 20.62 14.80 9.14
C GLY B 13 20.37 13.66 10.11
N ALA B 14 21.30 13.43 11.02
CA ALA B 14 21.20 12.37 11.99
C ALA B 14 20.28 12.73 13.15
N VAL B 15 19.41 11.80 13.53
CA VAL B 15 18.51 12.00 14.66
C VAL B 15 18.74 10.84 15.64
N GLY B 16 19.04 11.19 16.88
CA GLY B 16 19.28 10.17 17.88
C GLY B 16 20.74 9.85 18.12
N ALA B 17 21.06 8.58 17.98
CA ALA B 17 22.40 8.01 18.18
C ALA B 17 23.57 8.98 18.42
N GLY B 18 24.28 9.34 17.36
CA GLY B 18 25.43 10.20 17.52
C GLY B 18 25.21 11.70 17.54
N ALA B 19 24.28 12.16 18.37
CA ALA B 19 24.00 13.58 18.45
C ALA B 19 23.49 13.94 19.83
N THR B 20 23.67 15.18 20.22
CA THR B 20 23.20 15.61 21.52
C THR B 20 21.68 15.71 21.47
N ALA B 21 21.04 15.88 22.63
CA ALA B 21 19.60 15.99 22.67
C ALA B 21 19.11 17.25 21.93
N GLU B 22 19.82 18.35 22.08
CA GLU B 22 19.40 19.58 21.41
C GLU B 22 19.63 19.50 19.91
N GLU B 23 20.64 18.73 19.50
CA GLU B 23 20.92 18.57 18.09
C GLU B 23 19.80 17.81 17.37
N THR B 24 19.42 16.63 17.88
CA THR B 24 18.36 15.88 17.20
C THR B 24 17.02 16.60 17.34
N ARG B 25 16.91 17.44 18.36
CA ARG B 25 15.70 18.22 18.57
C ARG B 25 15.62 19.27 17.45
N ARG B 26 16.78 19.77 17.05
CA ARG B 26 16.87 20.76 15.99
C ARG B 26 16.66 20.09 14.64
N MET B 27 17.16 18.87 14.51
CA MET B 27 17.05 18.14 13.26
C MET B 27 15.61 17.77 12.95
N LEU B 28 14.86 17.36 13.97
CA LEU B 28 13.47 16.98 13.76
C LEU B 28 12.66 18.19 13.30
N HIS B 29 12.94 19.36 13.89
CA HIS B 29 12.25 20.56 13.47
C HIS B 29 12.52 20.85 12.01
N ARG B 30 13.76 20.63 11.57
CA ARG B 30 14.11 20.89 10.19
C ARG B 30 13.43 19.88 9.26
N ALA B 31 13.36 18.63 9.70
CA ALA B 31 12.73 17.59 8.90
C ALA B 31 11.25 17.91 8.68
N PHE B 32 10.57 18.35 9.74
CA PHE B 32 9.15 18.70 9.61
C PHE B 32 9.00 19.89 8.68
N ASP B 33 9.95 20.82 8.74
CA ASP B 33 9.87 21.98 7.88
C ASP B 33 9.95 21.55 6.43
N THR B 34 11.02 20.83 6.08
CA THR B 34 11.23 20.43 4.72
C THR B 34 10.20 19.40 4.27
N LEU B 35 9.68 18.62 5.22
CA LEU B 35 8.70 17.60 4.91
C LEU B 35 7.30 18.18 4.70
N ALA B 36 7.03 19.33 5.31
CA ALA B 36 5.74 20.01 5.22
C ALA B 36 5.23 20.25 3.80
N ALA C 29 -56.12 2.94 2.28
CA ALA C 29 -54.98 2.36 1.49
C ALA C 29 -54.17 3.44 0.78
N PRO C 30 -52.84 3.39 0.91
CA PRO C 30 -51.96 4.37 0.28
C PRO C 30 -52.23 4.62 -1.21
N CYS C 31 -52.47 3.57 -1.97
CA CYS C 31 -52.76 3.73 -3.39
C CYS C 31 -54.15 3.23 -3.73
N GLN C 32 -54.98 4.13 -4.23
CA GLN C 32 -56.36 3.82 -4.58
C GLN C 32 -56.72 4.28 -5.98
N VAL C 33 -57.41 3.40 -6.69
CA VAL C 33 -57.86 3.67 -8.05
C VAL C 33 -59.29 3.19 -8.17
N VAL C 34 -60.19 4.07 -8.61
CA VAL C 34 -61.58 3.70 -8.75
C VAL C 34 -62.20 3.95 -10.13
N LEU C 35 -62.89 2.94 -10.66
CA LEU C 35 -63.58 3.03 -11.93
C LEU C 35 -65.05 2.81 -11.65
N GLN C 36 -65.85 3.81 -11.99
CA GLN C 36 -67.29 3.77 -11.75
C GLN C 36 -67.95 4.62 -12.83
N GLY C 37 -69.26 4.47 -12.98
CA GLY C 37 -70.03 5.25 -13.96
C GLY C 37 -69.34 5.64 -15.25
N ALA C 38 -69.19 6.95 -15.45
CA ALA C 38 -68.57 7.48 -16.66
C ALA C 38 -67.20 6.90 -16.98
N GLU C 39 -66.26 7.06 -16.06
CA GLU C 39 -64.90 6.59 -16.31
C GLU C 39 -64.80 5.09 -16.55
N LEU C 40 -65.62 4.30 -15.86
CA LEU C 40 -65.60 2.85 -16.09
C LEU C 40 -66.07 2.62 -17.52
N ASN C 41 -67.02 3.44 -17.97
CA ASN C 41 -67.54 3.31 -19.31
C ASN C 41 -66.45 3.68 -20.30
N GLY C 42 -65.67 4.69 -19.95
CA GLY C 42 -64.58 5.08 -20.82
C GLY C 42 -63.52 3.99 -20.91
N ILE C 43 -63.16 3.37 -19.79
CA ILE C 43 -62.16 2.33 -19.83
C ILE C 43 -62.68 1.13 -20.61
N LEU C 44 -63.96 0.83 -20.44
CA LEU C 44 -64.59 -0.30 -21.12
C LEU C 44 -64.51 -0.05 -22.62
N GLN C 45 -64.73 1.19 -23.03
CA GLN C 45 -64.69 1.48 -24.45
C GLN C 45 -63.26 1.40 -24.97
N ALA C 46 -62.31 1.88 -24.17
CA ALA C 46 -60.90 1.81 -24.54
C ALA C 46 -60.50 0.36 -24.83
N PHE C 47 -60.97 -0.58 -24.01
CA PHE C 47 -60.64 -1.98 -24.20
C PHE C 47 -61.45 -2.74 -25.28
N ALA C 48 -62.64 -2.26 -25.59
CA ALA C 48 -63.47 -2.93 -26.59
C ALA C 48 -62.69 -3.34 -27.83
N PRO C 49 -62.18 -2.38 -28.61
CA PRO C 49 -61.43 -2.73 -29.83
C PRO C 49 -60.18 -3.58 -29.59
N LEU C 50 -59.65 -3.54 -28.38
CA LEU C 50 -58.44 -4.30 -28.07
C LEU C 50 -58.66 -5.80 -27.84
N ARG C 51 -59.90 -6.20 -27.60
CA ARG C 51 -60.22 -7.62 -27.38
C ARG C 51 -59.28 -8.24 -26.33
N THR C 52 -58.71 -9.41 -26.62
CA THR C 52 -57.82 -10.04 -25.65
C THR C 52 -56.34 -9.68 -25.79
N SER C 53 -56.01 -8.78 -26.71
CA SER C 53 -54.62 -8.36 -26.97
C SER C 53 -53.76 -7.92 -25.79
N LEU C 54 -54.36 -7.43 -24.71
CA LEU C 54 -53.55 -6.98 -23.59
C LEU C 54 -53.78 -7.73 -22.30
N LEU C 55 -54.52 -8.84 -22.37
CA LEU C 55 -54.82 -9.61 -21.18
C LEU C 55 -53.56 -10.04 -20.46
N ASP C 56 -52.56 -10.43 -21.23
CA ASP C 56 -51.28 -10.86 -20.70
C ASP C 56 -50.34 -9.67 -20.91
N SER C 57 -50.18 -8.84 -19.88
CA SER C 57 -49.33 -7.67 -20.02
C SER C 57 -48.69 -7.22 -18.71
N LEU C 58 -47.93 -6.14 -18.78
CA LEU C 58 -47.27 -5.59 -17.63
C LEU C 58 -48.01 -4.33 -17.23
N LEU C 59 -48.43 -4.27 -15.98
CA LEU C 59 -49.11 -3.08 -15.51
C LEU C 59 -48.12 -2.21 -14.76
N VAL C 60 -47.83 -1.04 -15.31
CA VAL C 60 -46.88 -0.14 -14.69
C VAL C 60 -47.64 1.07 -14.12
N MET C 61 -47.84 1.04 -12.81
CA MET C 61 -48.58 2.09 -12.12
C MET C 61 -47.70 3.10 -11.40
N GLY C 62 -48.09 4.37 -11.50
CA GLY C 62 -47.35 5.45 -10.86
C GLY C 62 -48.26 6.66 -10.76
N ASP C 63 -47.70 7.79 -10.33
CA ASP C 63 -48.51 9.00 -10.18
C ASP C 63 -49.11 9.56 -11.47
N ARG C 64 -48.71 9.03 -12.62
CA ARG C 64 -49.24 9.54 -13.88
C ARG C 64 -50.40 8.72 -14.46
N GLY C 65 -50.58 7.52 -13.96
CA GLY C 65 -51.64 6.65 -14.45
C GLY C 65 -51.10 5.24 -14.58
N ILE C 66 -51.80 4.39 -15.33
CA ILE C 66 -51.34 3.04 -15.53
C ILE C 66 -50.86 2.83 -16.96
N LEU C 67 -49.60 2.42 -17.10
CA LEU C 67 -49.02 2.15 -18.41
C LEU C 67 -49.02 0.64 -18.60
N ILE C 68 -49.81 0.19 -19.57
CA ILE C 68 -49.96 -1.23 -19.86
C ILE C 68 -49.05 -1.53 -21.01
N HIS C 69 -48.07 -2.40 -20.77
CA HIS C 69 -47.12 -2.75 -21.82
C HIS C 69 -47.18 -4.20 -22.25
N ASN C 70 -46.87 -4.41 -23.52
CA ASN C 70 -46.92 -5.73 -24.14
C ASN C 70 -45.98 -5.77 -25.33
N THR C 71 -45.98 -6.92 -25.99
CA THR C 71 -45.22 -7.17 -27.19
C THR C 71 -46.19 -7.98 -28.02
N ILE C 72 -46.43 -7.53 -29.26
CA ILE C 72 -47.34 -8.24 -30.15
C ILE C 72 -46.58 -8.51 -31.44
N PHE C 73 -46.50 -9.77 -31.82
CA PHE C 73 -45.74 -10.18 -33.00
C PHE C 73 -44.35 -9.57 -32.89
N GLY C 74 -43.87 -9.48 -31.65
CA GLY C 74 -42.54 -8.94 -31.40
C GLY C 74 -42.41 -7.44 -31.29
N GLU C 75 -43.44 -6.70 -31.71
CA GLU C 75 -43.39 -5.25 -31.66
C GLU C 75 -43.85 -4.65 -30.32
N GLN C 76 -43.22 -3.53 -29.94
CA GLN C 76 -43.53 -2.83 -28.72
C GLN C 76 -44.93 -2.24 -28.77
N VAL C 77 -45.73 -2.56 -27.77
CA VAL C 77 -47.11 -2.07 -27.67
C VAL C 77 -47.33 -1.42 -26.30
N PHE C 78 -47.95 -0.25 -26.29
CA PHE C 78 -48.25 0.46 -25.04
C PHE C 78 -49.66 1.03 -25.03
N LEU C 79 -50.26 1.08 -23.84
CA LEU C 79 -51.60 1.64 -23.67
C LEU C 79 -51.58 2.45 -22.39
N PRO C 80 -51.48 3.77 -22.52
CA PRO C 80 -51.46 4.64 -21.35
C PRO C 80 -52.85 5.04 -20.86
N LEU C 81 -53.10 4.89 -19.57
CA LEU C 81 -54.36 5.27 -18.97
C LEU C 81 -54.03 6.41 -18.02
N GLU C 82 -54.22 7.64 -18.49
CA GLU C 82 -53.95 8.83 -17.69
C GLU C 82 -54.74 8.77 -16.41
N HIS C 83 -54.14 9.17 -15.30
CA HIS C 83 -54.84 9.14 -14.03
C HIS C 83 -56.20 9.84 -14.16
N SER C 84 -56.23 10.91 -14.95
CA SER C 84 -57.45 11.67 -15.15
C SER C 84 -58.58 10.87 -15.80
N GLN C 85 -58.31 9.64 -16.21
CA GLN C 85 -59.35 8.86 -16.83
C GLN C 85 -60.11 7.99 -15.84
N PHE C 86 -59.75 8.08 -14.57
CA PHE C 86 -60.41 7.28 -13.55
C PHE C 86 -61.33 8.12 -12.68
N SER C 87 -62.30 7.49 -12.03
CA SER C 87 -63.22 8.20 -11.16
C SER C 87 -62.41 8.83 -10.03
N ARG C 88 -61.44 8.06 -9.56
CA ARG C 88 -60.55 8.49 -8.50
C ARG C 88 -59.23 7.78 -8.73
N TYR C 89 -58.13 8.51 -8.50
CA TYR C 89 -56.79 7.99 -8.67
C TYR C 89 -55.90 8.66 -7.64
N ARG C 90 -55.37 7.86 -6.72
CA ARG C 90 -54.47 8.37 -5.69
C ARG C 90 -53.23 7.47 -5.65
N TRP C 91 -52.06 8.07 -5.82
CA TRP C 91 -50.84 7.31 -5.81
C TRP C 91 -49.75 7.89 -4.93
N ARG C 92 -49.13 7.03 -4.12
CA ARG C 92 -48.04 7.47 -3.27
C ARG C 92 -46.92 6.44 -3.26
N GLY C 93 -45.69 6.92 -3.17
CA GLY C 93 -44.56 6.02 -3.16
C GLY C 93 -44.01 5.68 -4.54
N PRO C 94 -42.95 4.87 -4.59
CA PRO C 94 -42.35 4.49 -5.87
C PRO C 94 -43.33 3.87 -6.85
N THR C 95 -42.97 3.90 -8.13
CA THR C 95 -43.82 3.32 -9.14
C THR C 95 -43.84 1.79 -8.91
N ALA C 96 -44.89 1.12 -9.37
CA ALA C 96 -45.03 -0.32 -9.15
C ALA C 96 -45.51 -1.04 -10.39
N ALA C 97 -45.00 -2.25 -10.61
CA ALA C 97 -45.41 -3.02 -11.76
C ALA C 97 -45.98 -4.38 -11.37
N PHE C 98 -47.03 -4.80 -12.07
CA PHE C 98 -47.67 -6.10 -11.83
C PHE C 98 -47.92 -6.86 -13.13
N LEU C 99 -47.86 -8.19 -13.06
CA LEU C 99 -48.15 -9.02 -14.22
C LEU C 99 -49.67 -9.07 -14.18
N SER C 100 -50.32 -8.75 -15.30
CA SER C 100 -51.77 -8.73 -15.33
C SER C 100 -52.42 -10.08 -15.08
N LEU C 101 -51.71 -11.17 -15.37
CA LEU C 101 -52.27 -12.50 -15.16
C LEU C 101 -52.10 -13.02 -13.74
N VAL C 102 -53.22 -13.33 -13.08
CA VAL C 102 -53.18 -13.89 -11.73
C VAL C 102 -53.06 -15.40 -11.93
N ASP C 103 -53.40 -15.85 -13.14
CA ASP C 103 -53.29 -17.25 -13.53
C ASP C 103 -53.53 -17.34 -15.02
N GLN C 104 -53.05 -18.43 -15.62
CA GLN C 104 -53.17 -18.65 -17.05
C GLN C 104 -54.39 -18.10 -17.76
N LYS C 105 -55.57 -18.41 -17.25
CA LYS C 105 -56.81 -17.96 -17.87
C LYS C 105 -57.46 -16.71 -17.28
N ARG C 106 -56.91 -16.14 -16.22
CA ARG C 106 -57.53 -14.97 -15.61
C ARG C 106 -56.57 -13.80 -15.49
N SER C 107 -57.05 -12.62 -15.84
CA SER C 107 -56.23 -11.40 -15.81
C SER C 107 -56.89 -10.22 -15.10
N LEU C 108 -56.06 -9.30 -14.60
CA LEU C 108 -56.54 -8.09 -13.91
C LEU C 108 -57.28 -7.19 -14.89
N LEU C 109 -57.12 -7.47 -16.18
CA LEU C 109 -57.80 -6.68 -17.21
C LEU C 109 -58.98 -7.46 -17.81
N SER C 110 -59.33 -8.57 -17.19
CA SER C 110 -60.46 -9.36 -17.67
C SER C 110 -61.79 -8.65 -17.38
N VAL C 111 -61.84 -7.82 -16.33
CA VAL C 111 -63.09 -7.11 -16.05
C VAL C 111 -63.47 -6.27 -17.26
N PHE C 112 -62.47 -5.58 -17.78
CA PHE C 112 -62.66 -4.69 -18.90
C PHE C 112 -62.94 -5.40 -20.20
N ARG C 113 -62.83 -6.72 -20.17
CA ARG C 113 -63.11 -7.52 -21.35
C ARG C 113 -64.58 -7.23 -21.77
N ALA C 114 -64.80 -7.02 -23.07
CA ALA C 114 -66.11 -6.70 -23.65
C ALA C 114 -67.41 -7.02 -22.89
N ASN C 115 -67.80 -8.28 -22.83
CA ASN C 115 -69.04 -8.62 -22.15
C ASN C 115 -68.91 -9.68 -21.07
N GLN C 116 -67.73 -9.81 -20.50
CA GLN C 116 -67.52 -10.80 -19.47
C GLN C 116 -68.24 -10.47 -18.17
N TYR C 117 -68.46 -9.18 -17.91
CA TYR C 117 -69.13 -8.75 -16.68
C TYR C 117 -70.37 -7.92 -17.01
N PRO C 118 -71.45 -8.58 -17.45
CA PRO C 118 -72.72 -7.96 -17.81
C PRO C 118 -73.25 -6.89 -16.85
N ASP C 119 -73.36 -7.24 -15.58
CA ASP C 119 -73.87 -6.31 -14.58
C ASP C 119 -72.79 -5.45 -13.91
N LEU C 120 -71.63 -5.35 -14.55
CA LEU C 120 -70.52 -4.57 -14.01
C LEU C 120 -70.89 -3.16 -13.56
N ARG C 121 -70.63 -2.85 -12.29
CA ARG C 121 -70.94 -1.53 -11.76
C ARG C 121 -69.72 -0.78 -11.26
N ARG C 122 -68.83 -1.49 -10.56
CA ARG C 122 -67.68 -0.82 -9.99
C ARG C 122 -66.43 -1.71 -9.98
N VAL C 123 -65.28 -1.06 -10.13
CA VAL C 123 -63.98 -1.73 -10.14
C VAL C 123 -63.05 -0.89 -9.29
N GLU C 124 -62.43 -1.50 -8.29
CA GLU C 124 -61.52 -0.77 -7.42
C GLU C 124 -60.14 -1.45 -7.32
N LEU C 125 -59.09 -0.64 -7.33
CA LEU C 125 -57.75 -1.16 -7.20
C LEU C 125 -57.16 -0.56 -5.93
N ALA C 126 -56.51 -1.39 -5.14
CA ALA C 126 -55.89 -0.93 -3.92
C ALA C 126 -54.51 -1.54 -3.86
N ILE C 127 -53.52 -0.70 -3.61
CA ILE C 127 -52.16 -1.19 -3.48
C ILE C 127 -51.72 -0.85 -2.07
N THR C 128 -51.37 -1.88 -1.31
CA THR C 128 -50.96 -1.69 0.07
C THR C 128 -49.56 -2.21 0.32
N GLY C 129 -48.93 -1.72 1.39
CA GLY C 129 -47.58 -2.15 1.72
C GLY C 129 -46.50 -1.18 1.29
N GLN C 130 -45.26 -1.66 1.27
CA GLN C 130 -44.13 -0.84 0.86
C GLN C 130 -43.22 -1.58 -0.10
N ALA C 131 -42.66 -0.83 -1.05
CA ALA C 131 -41.75 -1.41 -2.02
C ALA C 131 -40.67 -2.13 -1.26
N PRO C 132 -40.23 -3.30 -1.75
CA PRO C 132 -40.74 -3.93 -2.96
C PRO C 132 -41.80 -5.00 -2.66
N PHE C 133 -42.51 -4.86 -1.55
CA PHE C 133 -43.51 -5.88 -1.19
C PHE C 133 -44.96 -5.42 -1.10
N ARG C 134 -45.37 -4.52 -2.00
CA ARG C 134 -46.75 -4.04 -2.00
C ARG C 134 -47.65 -5.10 -2.66
N THR C 135 -48.94 -5.06 -2.34
CA THR C 135 -49.87 -5.99 -2.95
C THR C 135 -51.00 -5.23 -3.60
N LEU C 136 -51.47 -5.75 -4.71
CA LEU C 136 -52.57 -5.17 -5.47
C LEU C 136 -53.77 -6.05 -5.24
N VAL C 137 -54.85 -5.45 -4.76
CA VAL C 137 -56.08 -6.19 -4.54
C VAL C 137 -57.14 -5.52 -5.42
N GLN C 138 -57.66 -6.25 -6.39
CA GLN C 138 -58.68 -5.71 -7.28
C GLN C 138 -60.03 -6.26 -6.87
N ARG C 139 -60.94 -5.35 -6.57
CA ARG C 139 -62.29 -5.72 -6.19
C ARG C 139 -63.27 -5.27 -7.27
N ILE C 140 -64.24 -6.14 -7.57
CA ILE C 140 -65.25 -5.88 -8.59
C ILE C 140 -66.64 -5.89 -7.99
N TRP C 141 -67.52 -5.02 -8.49
CA TRP C 141 -68.90 -4.93 -7.99
C TRP C 141 -69.87 -4.90 -9.16
N THR C 142 -70.96 -5.65 -9.04
CA THR C 142 -71.97 -5.68 -10.09
C THR C 142 -73.26 -5.03 -9.62
N THR C 143 -74.25 -4.93 -10.51
CA THR C 143 -75.54 -4.34 -10.19
C THR C 143 -76.40 -5.32 -9.41
N THR C 144 -75.89 -5.74 -8.27
CA THR C 144 -76.57 -6.66 -7.38
C THR C 144 -76.01 -6.28 -6.03
N SER C 145 -75.91 -4.98 -5.82
CA SER C 145 -75.39 -4.40 -4.60
C SER C 145 -75.34 -2.88 -4.77
N ASP C 146 -74.94 -2.18 -3.73
CA ASP C 146 -74.86 -0.73 -3.76
C ASP C 146 -73.55 -0.22 -3.15
N GLY C 147 -73.06 0.90 -3.66
CA GLY C 147 -71.82 1.47 -3.15
C GLY C 147 -70.64 0.53 -3.12
N GLU C 148 -69.81 0.67 -2.08
CA GLU C 148 -68.63 -0.17 -1.92
C GLU C 148 -68.41 -0.57 -0.47
N ALA C 149 -68.55 -1.86 -0.17
CA ALA C 149 -68.36 -2.32 1.19
C ALA C 149 -67.41 -3.51 1.27
N VAL C 150 -66.80 -3.87 0.15
CA VAL C 150 -65.86 -4.99 0.09
C VAL C 150 -66.58 -6.33 0.22
N GLU C 151 -67.67 -6.35 1.00
CA GLU C 151 -68.44 -7.57 1.18
C GLU C 151 -69.60 -7.56 0.18
N LEU C 152 -70.80 -7.25 0.69
CA LEU C 152 -72.05 -7.20 -0.08
C LEU C 152 -72.03 -7.92 -1.42
N ALA C 153 -71.21 -7.41 -2.34
CA ALA C 153 -71.04 -8.00 -3.66
C ALA C 153 -69.56 -7.94 -4.03
N SER C 154 -69.14 -8.82 -4.94
CA SER C 154 -67.77 -8.84 -5.38
C SER C 154 -67.29 -10.01 -6.24
N GLU C 155 -65.98 -9.99 -6.42
CA GLU C 155 -65.18 -10.94 -7.18
C GLU C 155 -63.89 -10.20 -6.84
N THR C 156 -62.86 -10.90 -6.36
CA THR C 156 -61.63 -10.18 -6.06
C THR C 156 -60.38 -10.92 -6.51
N LEU C 157 -59.42 -10.16 -7.00
CA LEU C 157 -58.17 -10.71 -7.49
C LEU C 157 -57.02 -10.01 -6.77
N MET C 158 -55.96 -10.75 -6.48
CA MET C 158 -54.81 -10.18 -5.77
C MET C 158 -53.53 -10.48 -6.54
N LYS C 159 -52.57 -9.57 -6.44
CA LYS C 159 -51.30 -9.75 -7.13
C LYS C 159 -50.19 -9.02 -6.38
N ARG C 160 -49.02 -9.67 -6.32
CA ARG C 160 -47.86 -9.07 -5.66
C ARG C 160 -47.14 -8.26 -6.71
N GLU C 161 -46.56 -7.12 -6.34
CA GLU C 161 -45.83 -6.33 -7.33
C GLU C 161 -44.64 -7.16 -7.75
N LEU C 162 -43.66 -6.55 -8.42
CA LEU C 162 -42.53 -7.32 -8.92
C LEU C 162 -41.12 -7.28 -8.28
N THR C 163 -40.93 -6.62 -7.15
CA THR C 163 -39.60 -6.51 -6.51
C THR C 163 -38.54 -5.96 -7.46
N SER C 164 -38.61 -6.37 -8.73
CA SER C 164 -37.68 -5.89 -9.73
C SER C 164 -38.33 -6.06 -11.10
N PHE C 165 -38.24 -5.03 -11.93
CA PHE C 165 -38.85 -5.06 -13.26
C PHE C 165 -38.21 -3.98 -14.13
N VAL C 166 -38.15 -4.20 -15.43
CA VAL C 166 -37.58 -3.22 -16.33
C VAL C 166 -38.45 -3.03 -17.58
N VAL C 167 -38.57 -1.80 -18.04
CA VAL C 167 -39.36 -1.52 -19.22
C VAL C 167 -38.74 -0.36 -19.97
N LEU C 168 -38.48 -0.56 -21.26
CA LEU C 168 -37.94 0.51 -22.09
C LEU C 168 -39.18 1.14 -22.72
N VAL C 169 -39.33 2.44 -22.53
CA VAL C 169 -40.50 3.15 -23.02
C VAL C 169 -40.14 4.31 -23.94
N PRO C 170 -41.01 4.65 -24.91
CA PRO C 170 -40.64 5.77 -25.78
C PRO C 170 -40.68 7.12 -25.07
N GLN C 171 -39.97 8.09 -25.62
CA GLN C 171 -39.89 9.44 -25.06
C GLN C 171 -39.46 10.44 -26.13
N GLY C 172 -39.37 11.70 -25.75
CA GLY C 172 -38.98 12.71 -26.72
C GLY C 172 -40.08 13.09 -27.70
N THR C 173 -39.85 14.16 -28.45
CA THR C 173 -40.82 14.66 -29.40
C THR C 173 -40.58 14.18 -30.82
N PRO C 174 -41.63 13.71 -31.50
CA PRO C 174 -41.46 13.23 -32.87
C PRO C 174 -41.10 14.39 -33.81
N ASP C 175 -40.24 14.13 -34.78
CA ASP C 175 -39.85 15.14 -35.74
C ASP C 175 -40.96 15.43 -36.76
N VAL C 176 -41.84 14.47 -37.00
CA VAL C 176 -42.96 14.67 -37.91
C VAL C 176 -44.17 13.89 -37.43
N GLN C 177 -45.35 14.44 -37.68
CA GLN C 177 -46.59 13.77 -37.30
C GLN C 177 -47.58 13.87 -38.45
N LEU C 178 -48.21 12.75 -38.77
CA LEU C 178 -49.18 12.68 -39.84
C LEU C 178 -50.40 11.95 -39.30
N ARG C 179 -51.48 12.70 -39.16
CA ARG C 179 -52.74 12.17 -38.68
C ARG C 179 -53.49 11.58 -39.87
N LEU C 180 -53.86 10.31 -39.76
CA LEU C 180 -54.59 9.66 -40.84
C LEU C 180 -55.96 9.16 -40.39
N THR C 181 -56.93 9.22 -41.29
CA THR C 181 -58.27 8.76 -40.97
C THR C 181 -58.29 7.25 -41.10
N ARG C 182 -59.36 6.62 -40.63
CA ARG C 182 -59.49 5.18 -40.69
C ARG C 182 -59.18 4.60 -42.08
N PRO C 183 -59.90 5.03 -43.13
CA PRO C 183 -59.64 4.50 -44.49
C PRO C 183 -58.21 4.75 -44.95
N GLN C 184 -57.65 5.89 -44.54
CA GLN C 184 -56.30 6.25 -44.92
C GLN C 184 -55.27 5.31 -44.32
N LEU C 185 -55.39 5.06 -43.02
CA LEU C 185 -54.48 4.16 -42.33
C LEU C 185 -54.59 2.77 -42.93
N THR C 186 -55.81 2.40 -43.34
CA THR C 186 -56.02 1.09 -43.95
C THR C 186 -55.34 0.98 -45.32
N LYS C 187 -55.37 2.06 -46.11
CA LYS C 187 -54.72 2.04 -47.42
C LYS C 187 -53.23 1.84 -47.17
N VAL C 188 -52.70 2.59 -46.21
CA VAL C 188 -51.30 2.51 -45.87
C VAL C 188 -50.95 1.09 -45.48
N LEU C 189 -51.61 0.56 -44.48
CA LEU C 189 -51.33 -0.80 -44.03
C LEU C 189 -51.41 -1.82 -45.15
N ASN C 190 -52.28 -1.59 -46.12
CA ASN C 190 -52.39 -2.53 -47.22
C ASN C 190 -51.23 -2.41 -48.18
N ALA C 191 -50.53 -1.29 -48.10
CA ALA C 191 -49.38 -1.06 -48.97
C ALA C 191 -48.09 -1.62 -48.35
N THR C 192 -47.96 -1.56 -47.03
CA THR C 192 -46.76 -2.03 -46.34
C THR C 192 -46.42 -3.48 -46.68
N GLY C 193 -45.13 -3.77 -46.79
CA GLY C 193 -44.68 -5.12 -47.11
C GLY C 193 -44.90 -6.06 -45.94
N ALA C 194 -44.80 -7.37 -46.18
CA ALA C 194 -45.02 -8.36 -45.13
C ALA C 194 -43.93 -9.44 -45.01
N ASP C 195 -42.77 -9.22 -45.63
CA ASP C 195 -41.68 -10.19 -45.57
C ASP C 195 -40.31 -9.54 -45.71
N SER C 196 -39.28 -10.24 -45.24
CA SER C 196 -37.90 -9.76 -45.28
C SER C 196 -37.39 -9.47 -46.70
N ALA C 197 -38.10 -9.99 -47.71
CA ALA C 197 -37.71 -9.78 -49.10
C ALA C 197 -38.48 -8.64 -49.78
N THR C 198 -39.26 -7.89 -49.00
CA THR C 198 -40.03 -6.80 -49.54
C THR C 198 -40.07 -5.58 -48.61
N PRO C 199 -39.03 -4.75 -48.69
CA PRO C 199 -38.91 -3.55 -47.85
C PRO C 199 -40.04 -2.54 -48.11
N THR C 200 -40.31 -1.70 -47.11
CA THR C 200 -41.35 -0.68 -47.19
C THR C 200 -40.76 0.69 -46.90
N THR C 201 -41.09 1.65 -47.75
CA THR C 201 -40.58 2.99 -47.55
C THR C 201 -41.69 3.97 -47.20
N PHE C 202 -41.42 4.78 -46.18
CA PHE C 202 -42.32 5.84 -45.77
C PHE C 202 -41.56 7.07 -46.25
N GLU C 203 -42.15 7.82 -47.16
CA GLU C 203 -41.47 8.97 -47.71
C GLU C 203 -42.28 10.25 -47.70
N LEU C 204 -41.72 11.30 -47.11
CA LEU C 204 -42.38 12.59 -47.09
C LEU C 204 -41.60 13.43 -48.08
N GLY C 205 -42.16 13.56 -49.28
CA GLY C 205 -41.52 14.30 -50.35
C GLY C 205 -41.51 15.81 -50.27
N VAL C 206 -40.86 16.40 -51.27
CA VAL C 206 -40.70 17.83 -51.42
C VAL C 206 -41.95 18.64 -51.15
N ASN C 207 -42.93 18.46 -52.02
CA ASN C 207 -44.19 19.19 -51.95
C ASN C 207 -45.08 18.91 -50.74
N GLY C 208 -44.67 17.99 -49.88
CA GLY C 208 -45.49 17.64 -48.74
C GLY C 208 -46.28 16.42 -49.18
N LYS C 209 -45.72 15.70 -50.14
CA LYS C 209 -46.33 14.49 -50.67
C LYS C 209 -45.92 13.30 -49.80
N PHE C 210 -46.90 12.68 -49.15
CA PHE C 210 -46.60 11.54 -48.30
C PHE C 210 -46.87 10.25 -49.07
N SER C 211 -45.88 9.35 -49.07
CA SER C 211 -46.02 8.09 -49.77
C SER C 211 -45.50 6.89 -48.98
N VAL C 212 -46.15 5.76 -49.19
CA VAL C 212 -45.76 4.51 -48.57
C VAL C 212 -45.75 3.51 -49.74
N PHE C 213 -44.67 2.78 -49.90
CA PHE C 213 -44.64 1.84 -51.01
C PHE C 213 -43.68 0.68 -50.84
N THR C 214 -43.82 -0.28 -51.75
CA THR C 214 -42.99 -1.46 -51.82
C THR C 214 -42.73 -1.64 -53.30
N THR C 215 -42.06 -2.71 -53.68
CA THR C 215 -41.76 -2.92 -55.08
C THR C 215 -42.98 -3.39 -55.86
N SER C 216 -44.15 -3.36 -55.23
CA SER C 216 -45.36 -3.80 -55.90
C SER C 216 -46.59 -3.05 -55.41
N THR C 217 -46.39 -2.08 -54.53
CA THR C 217 -47.50 -1.30 -54.02
C THR C 217 -47.07 0.11 -53.69
N CYS C 218 -48.01 1.03 -53.86
CA CYS C 218 -47.77 2.43 -53.55
C CYS C 218 -49.06 3.17 -53.22
N VAL C 219 -48.94 4.14 -52.32
CA VAL C 219 -50.06 4.95 -51.91
C VAL C 219 -49.48 6.29 -51.53
N THR C 220 -50.17 7.36 -51.91
CA THR C 220 -49.70 8.70 -51.63
C THR C 220 -50.85 9.65 -51.27
N PHE C 221 -50.53 10.59 -50.39
CA PHE C 221 -51.47 11.60 -49.94
C PHE C 221 -50.72 12.92 -49.97
N ALA C 222 -51.44 14.02 -49.73
CA ALA C 222 -50.86 15.35 -49.69
C ALA C 222 -50.87 15.79 -48.24
N ALA C 223 -49.69 16.12 -47.73
CA ALA C 223 -49.54 16.55 -46.34
C ALA C 223 -50.41 17.77 -46.03
N ARG C 224 -49.76 18.88 -45.69
CA ARG C 224 -50.42 20.14 -45.33
C ARG C 224 -50.49 20.26 -43.81
N GLU C 225 -49.82 21.29 -43.31
CA GLU C 225 -49.76 21.60 -41.89
C GLU C 225 -51.14 21.96 -41.36
N GLU C 226 -51.58 21.29 -40.29
CA GLU C 226 -52.88 21.59 -39.72
C GLU C 226 -52.82 23.02 -39.18
N GLY C 227 -53.33 23.95 -40.00
CA GLY C 227 -53.37 25.38 -39.70
C GLY C 227 -54.00 26.15 -40.86
N GLY C 247 -67.82 13.26 -56.52
CA GLY C 247 -66.38 13.32 -56.42
C GLY C 247 -65.89 14.66 -55.93
N GLN C 248 -64.73 15.09 -56.45
CA GLN C 248 -64.09 16.36 -56.10
C GLN C 248 -63.94 16.65 -54.61
N ALA C 249 -64.97 17.20 -53.98
CA ALA C 249 -64.93 17.52 -52.56
C ALA C 249 -64.39 16.32 -51.78
N ALA C 250 -64.92 15.13 -52.07
CA ALA C 250 -64.48 13.92 -51.40
C ALA C 250 -63.02 13.61 -51.74
N ALA C 251 -62.57 14.03 -52.93
CA ALA C 251 -61.20 13.80 -53.37
C ALA C 251 -60.19 14.27 -52.31
N ASN C 252 -60.68 15.05 -51.33
CA ASN C 252 -59.85 15.55 -50.24
C ASN C 252 -59.51 14.39 -49.32
N ALA C 253 -59.74 13.17 -49.82
CA ALA C 253 -59.46 11.95 -49.07
C ALA C 253 -57.98 11.62 -49.27
N LYS C 254 -57.30 12.43 -50.06
CA LYS C 254 -55.89 12.22 -50.31
C LYS C 254 -55.07 13.23 -49.51
N THR C 255 -55.75 13.99 -48.67
CA THR C 255 -55.08 14.99 -47.85
C THR C 255 -54.98 14.54 -46.40
N VAL C 256 -53.76 14.51 -45.89
CA VAL C 256 -53.50 14.08 -44.52
C VAL C 256 -52.98 15.29 -43.77
N TYR C 257 -53.31 15.42 -42.50
CA TYR C 257 -52.83 16.57 -41.73
C TYR C 257 -51.75 16.19 -40.72
N GLY C 258 -50.80 17.10 -40.50
CA GLY C 258 -49.73 16.80 -39.57
C GLY C 258 -48.93 17.96 -39.05
N GLU C 259 -47.80 17.65 -38.41
CA GLU C 259 -46.91 18.64 -37.82
C GLU C 259 -45.54 18.58 -38.46
N ASN C 260 -45.03 19.75 -38.88
CA ASN C 260 -43.72 19.84 -39.53
C ASN C 260 -43.74 19.06 -40.84
N THR C 261 -44.82 19.21 -41.60
CA THR C 261 -44.95 18.49 -42.86
C THR C 261 -43.97 18.97 -43.91
N HIS C 262 -43.06 19.86 -43.51
CA HIS C 262 -42.07 20.41 -44.43
C HIS C 262 -40.75 19.64 -44.35
N ARG C 263 -40.60 18.85 -43.30
CA ARG C 263 -39.39 18.08 -43.07
C ARG C 263 -39.48 16.78 -43.87
N THR C 264 -38.78 16.72 -45.00
CA THR C 264 -38.80 15.52 -45.84
C THR C 264 -38.03 14.37 -45.19
N PHE C 265 -38.29 13.16 -45.66
CA PHE C 265 -37.60 11.97 -45.15
C PHE C 265 -37.96 10.77 -46.00
N SER C 266 -37.08 9.77 -46.00
CA SER C 266 -37.29 8.54 -46.76
C SER C 266 -36.82 7.40 -45.87
N VAL C 267 -37.73 6.91 -45.05
CA VAL C 267 -37.43 5.85 -44.12
C VAL C 267 -37.92 4.48 -44.56
N VAL C 268 -37.16 3.45 -44.19
CA VAL C 268 -37.51 2.08 -44.53
C VAL C 268 -37.81 1.27 -43.29
N VAL C 269 -38.87 0.49 -43.34
CA VAL C 269 -39.23 -0.33 -42.20
C VAL C 269 -38.64 -1.73 -42.45
N ASP C 270 -38.08 -2.33 -41.40
CA ASP C 270 -37.43 -3.65 -41.46
C ASP C 270 -38.13 -4.80 -42.20
N ASP C 271 -38.74 -5.71 -41.45
CA ASP C 271 -39.44 -6.86 -42.03
C ASP C 271 -40.93 -6.54 -41.96
N CYS C 272 -41.20 -5.33 -41.48
CA CYS C 272 -42.54 -4.78 -41.34
C CYS C 272 -43.64 -5.72 -40.83
N SER C 273 -43.98 -5.56 -39.56
CA SER C 273 -45.04 -6.33 -38.94
C SER C 273 -46.19 -5.36 -38.68
N MET C 274 -46.01 -4.12 -39.11
CA MET C 274 -47.02 -3.08 -38.93
C MET C 274 -48.44 -3.52 -39.21
N ARG C 275 -48.70 -4.03 -40.41
CA ARG C 275 -50.04 -4.44 -40.74
C ARG C 275 -50.58 -5.48 -39.78
N ALA C 276 -49.82 -6.56 -39.54
CA ALA C 276 -50.28 -7.61 -38.63
C ALA C 276 -50.62 -7.07 -37.24
N VAL C 277 -49.70 -6.31 -36.66
CA VAL C 277 -49.92 -5.74 -35.34
C VAL C 277 -51.11 -4.78 -35.26
N LEU C 278 -51.14 -3.76 -36.12
CA LEU C 278 -52.22 -2.79 -36.10
C LEU C 278 -53.57 -3.43 -36.41
N ARG C 279 -53.57 -4.42 -37.30
CA ARG C 279 -54.79 -5.14 -37.67
C ARG C 279 -55.26 -5.89 -36.44
N ARG C 280 -54.31 -6.44 -35.68
CA ARG C 280 -54.62 -7.20 -34.46
C ARG C 280 -55.20 -6.28 -33.37
N LEU C 281 -54.66 -5.07 -33.27
CA LEU C 281 -55.16 -4.12 -32.29
C LEU C 281 -56.42 -3.43 -32.84
N GLN C 282 -56.82 -3.80 -34.06
CA GLN C 282 -57.99 -3.22 -34.70
C GLN C 282 -57.99 -1.70 -34.64
N VAL C 283 -56.82 -1.11 -34.90
CA VAL C 283 -56.66 0.33 -34.90
C VAL C 283 -57.52 0.94 -36.00
N GLY C 284 -58.39 1.87 -35.63
CA GLY C 284 -59.25 2.52 -36.61
C GLY C 284 -58.33 3.39 -37.44
N GLY C 285 -58.20 4.63 -37.01
CA GLY C 285 -57.31 5.55 -37.69
C GLY C 285 -56.18 5.81 -36.72
N GLY C 286 -55.30 6.73 -37.04
CA GLY C 286 -54.22 6.99 -36.11
C GLY C 286 -53.28 8.08 -36.56
N THR C 287 -52.33 8.38 -35.70
CA THR C 287 -51.33 9.39 -35.96
C THR C 287 -49.96 8.72 -36.08
N LEU C 288 -49.25 9.01 -37.17
CA LEU C 288 -47.93 8.46 -37.39
C LEU C 288 -46.90 9.46 -36.87
N LYS C 289 -46.11 9.05 -35.89
CA LYS C 289 -45.11 9.94 -35.32
C LYS C 289 -43.72 9.42 -35.71
N PHE C 290 -42.95 10.25 -36.39
CA PHE C 290 -41.61 9.83 -36.82
C PHE C 290 -40.49 10.42 -35.98
N PHE C 291 -39.69 9.55 -35.37
CA PHE C 291 -38.54 10.01 -34.58
C PHE C 291 -37.37 9.71 -35.49
N LEU C 292 -36.95 10.74 -36.23
CA LEU C 292 -35.89 10.65 -37.22
C LEU C 292 -34.42 10.83 -36.83
N THR C 293 -34.16 11.52 -35.73
CA THR C 293 -32.80 11.78 -35.32
C THR C 293 -32.05 10.72 -34.50
N THR C 294 -32.73 9.99 -33.61
CA THR C 294 -32.03 8.98 -32.81
C THR C 294 -31.24 8.02 -33.69
N PRO C 295 -30.17 7.41 -33.15
CA PRO C 295 -29.35 6.46 -33.92
C PRO C 295 -30.21 5.48 -34.72
N VAL C 296 -31.29 5.00 -34.11
CA VAL C 296 -32.20 4.10 -34.79
C VAL C 296 -33.51 4.84 -34.93
N PRO C 297 -33.93 5.13 -36.17
CA PRO C 297 -35.21 5.85 -36.31
C PRO C 297 -36.36 4.97 -35.85
N SER C 298 -37.46 5.59 -35.43
CA SER C 298 -38.60 4.81 -35.00
C SER C 298 -39.91 5.49 -35.39
N LEU C 299 -40.90 4.65 -35.69
CA LEU C 299 -42.22 5.10 -36.07
C LEU C 299 -43.23 4.55 -35.06
N CYS C 300 -43.84 5.46 -34.30
CA CYS C 300 -44.86 5.11 -33.33
C CYS C 300 -46.22 5.48 -33.94
N VAL C 301 -47.13 4.52 -33.94
CA VAL C 301 -48.49 4.73 -34.46
C VAL C 301 -49.46 4.75 -33.28
N THR C 302 -49.96 5.92 -32.93
CA THR C 302 -50.92 6.02 -31.82
C THR C 302 -52.32 6.06 -32.41
N ALA C 303 -53.20 5.18 -31.93
CA ALA C 303 -54.58 5.13 -32.41
C ALA C 303 -55.36 6.42 -32.12
N THR C 304 -56.29 6.76 -32.99
CA THR C 304 -57.10 7.96 -32.80
C THR C 304 -58.16 7.63 -31.75
N GLY C 305 -58.44 8.57 -30.86
CA GLY C 305 -59.44 8.33 -29.83
C GLY C 305 -59.00 8.80 -28.46
N PRO C 306 -59.85 8.61 -27.42
CA PRO C 306 -59.56 9.01 -26.04
C PRO C 306 -58.40 8.28 -25.35
N ASN C 307 -58.48 6.96 -25.27
CA ASN C 307 -57.44 6.19 -24.60
C ASN C 307 -56.91 5.14 -25.57
N ALA C 308 -56.31 5.62 -26.65
CA ALA C 308 -55.77 4.79 -27.72
C ALA C 308 -54.42 4.12 -27.47
N VAL C 309 -54.27 2.90 -27.97
CA VAL C 309 -53.02 2.18 -27.84
C VAL C 309 -52.05 2.68 -28.90
N SER C 310 -50.77 2.36 -28.72
CA SER C 310 -49.73 2.72 -29.65
C SER C 310 -48.84 1.51 -29.91
N ALA C 311 -48.36 1.40 -31.14
CA ALA C 311 -47.44 0.34 -31.50
C ALA C 311 -46.18 1.06 -31.98
N VAL C 312 -45.02 0.64 -31.50
CA VAL C 312 -43.81 1.31 -31.94
C VAL C 312 -42.94 0.36 -32.74
N PHE C 313 -42.67 0.75 -33.97
CA PHE C 313 -41.86 -0.05 -34.88
C PHE C 313 -40.54 0.66 -35.09
N LEU C 314 -39.48 -0.11 -35.31
CA LEU C 314 -38.16 0.46 -35.53
C LEU C 314 -37.84 0.54 -37.02
N LEU C 315 -37.29 1.67 -37.44
CA LEU C 315 -36.92 1.90 -38.84
C LEU C 315 -35.43 1.59 -39.02
N LYS C 316 -35.02 1.15 -40.22
CA LYS C 316 -33.61 0.85 -40.47
C LYS C 316 -32.75 2.10 -40.22
N PRO C 317 -31.59 1.93 -39.56
CA PRO C 317 -30.70 3.07 -39.28
C PRO C 317 -30.11 3.66 -40.55
N GLN C 318 -30.01 4.98 -40.60
CA GLN C 318 -29.48 5.66 -41.78
C GLN C 318 -28.08 6.24 -41.59
N LYS C 319 -27.48 6.65 -42.70
CA LYS C 319 -26.14 7.25 -42.72
C LYS C 319 -25.03 6.19 -42.67
N ASP D 1 -30.13 -8.50 -23.86
CA ASP D 1 -30.66 -9.01 -25.15
C ASP D 1 -30.42 -8.04 -26.30
N ASP D 2 -30.66 -8.51 -27.52
CA ASP D 2 -30.47 -7.72 -28.72
C ASP D 2 -31.55 -6.65 -28.87
N VAL D 3 -32.76 -6.94 -28.37
CA VAL D 3 -33.87 -6.00 -28.44
C VAL D 3 -33.67 -4.79 -27.54
N ALA D 4 -33.25 -5.03 -26.29
CA ALA D 4 -33.01 -3.95 -25.36
C ALA D 4 -31.96 -2.99 -25.93
N ALA D 5 -30.94 -3.56 -26.56
CA ALA D 5 -29.89 -2.75 -27.17
C ALA D 5 -30.49 -1.94 -28.31
N ARG D 6 -31.32 -2.59 -29.12
CA ARG D 6 -31.98 -1.91 -30.23
C ARG D 6 -32.88 -0.79 -29.72
N LEU D 7 -33.68 -1.08 -28.70
CA LEU D 7 -34.57 -0.07 -28.13
C LEU D 7 -33.79 1.08 -27.49
N ARG D 8 -32.64 0.78 -26.91
CA ARG D 8 -31.84 1.84 -26.29
C ARG D 8 -31.26 2.73 -27.38
N ALA D 9 -30.91 2.11 -28.50
CA ALA D 9 -30.35 2.85 -29.61
C ALA D 9 -31.45 3.65 -30.30
N ALA D 10 -32.70 3.37 -29.92
CA ALA D 10 -33.83 4.07 -30.52
C ALA D 10 -34.31 5.21 -29.62
N GLY D 11 -33.61 5.42 -28.51
CA GLY D 11 -33.99 6.49 -27.61
C GLY D 11 -34.87 6.12 -26.44
N PHE D 12 -35.26 4.85 -26.35
CA PHE D 12 -36.12 4.39 -25.25
C PHE D 12 -35.50 4.64 -23.87
N GLY D 13 -36.31 5.13 -22.95
CA GLY D 13 -35.86 5.40 -21.60
C GLY D 13 -36.16 4.25 -20.66
N ALA D 14 -35.26 4.01 -19.72
CA ALA D 14 -35.42 2.92 -18.76
C ALA D 14 -36.34 3.26 -17.61
N VAL D 15 -37.26 2.34 -17.30
CA VAL D 15 -38.21 2.54 -16.20
C VAL D 15 -38.03 1.38 -15.25
N GLY D 16 -37.77 1.71 -13.99
CA GLY D 16 -37.58 0.68 -12.99
C GLY D 16 -36.14 0.34 -12.67
N ALA D 17 -35.81 -0.93 -12.86
CA ALA D 17 -34.48 -1.50 -12.60
C ALA D 17 -33.32 -0.55 -12.31
N GLY D 18 -32.56 -0.18 -13.33
CA GLY D 18 -31.40 0.67 -13.10
C GLY D 18 -31.62 2.17 -13.07
N ALA D 19 -32.58 2.62 -12.26
CA ALA D 19 -32.86 4.04 -12.19
C ALA D 19 -33.39 4.39 -10.82
N THR D 20 -33.23 5.64 -10.41
CA THR D 20 -33.75 6.04 -9.12
C THR D 20 -35.27 6.15 -9.23
N ALA D 21 -35.95 6.31 -8.10
CA ALA D 21 -37.39 6.43 -8.11
C ALA D 21 -37.84 7.69 -8.85
N GLU D 22 -37.12 8.79 -8.68
CA GLU D 22 -37.50 10.03 -9.35
C GLU D 22 -37.22 9.97 -10.85
N GLU D 23 -36.21 9.21 -11.22
CA GLU D 23 -35.89 9.07 -12.62
C GLU D 23 -36.99 8.33 -13.37
N THR D 24 -37.38 7.14 -12.90
CA THR D 24 -38.42 6.41 -13.63
C THR D 24 -39.77 7.14 -13.53
N ARG D 25 -39.91 7.96 -12.50
CA ARG D 25 -41.12 8.75 -12.34
C ARG D 25 -41.17 9.82 -13.43
N ARG D 26 -39.98 10.32 -13.80
CA ARG D 26 -39.86 11.33 -14.85
C ARG D 26 -40.02 10.66 -16.21
N MET D 27 -39.47 9.45 -16.34
CA MET D 27 -39.53 8.74 -17.59
C MET D 27 -40.97 8.38 -17.97
N LEU D 28 -41.77 7.95 -16.99
CA LEU D 28 -43.16 7.59 -17.27
C LEU D 28 -43.93 8.81 -17.74
N HIS D 29 -43.69 9.95 -17.10
CA HIS D 29 -44.37 11.16 -17.53
C HIS D 29 -44.04 11.47 -18.99
N ARG D 30 -42.78 11.27 -19.38
CA ARG D 30 -42.37 11.54 -20.75
C ARG D 30 -43.03 10.54 -21.70
N ALA D 31 -43.12 9.29 -21.27
CA ALA D 31 -43.73 8.26 -22.09
C ALA D 31 -45.18 8.61 -22.37
N PHE D 32 -45.92 9.02 -21.34
CA PHE D 32 -47.31 9.38 -21.54
C PHE D 32 -47.42 10.59 -22.46
N ASP D 33 -46.47 11.51 -22.34
CA ASP D 33 -46.50 12.68 -23.20
C ASP D 33 -46.35 12.28 -24.66
N THR D 34 -45.29 11.55 -24.95
CA THR D 34 -45.04 11.16 -26.32
C THR D 34 -46.06 10.15 -26.81
N LEU D 35 -46.60 9.36 -25.89
CA LEU D 35 -47.59 8.36 -26.25
C LEU D 35 -48.96 8.96 -26.52
N ALA D 36 -49.26 10.09 -25.88
CA ALA D 36 -50.55 10.78 -26.01
C ALA D 36 -51.00 11.03 -27.44
N GLY E 28 -27.61 11.38 -8.43
CA GLY E 28 -28.62 10.33 -8.76
C GLY E 28 -28.46 9.01 -8.01
N ALA E 29 -27.81 8.05 -8.64
CA ALA E 29 -27.61 6.75 -8.04
C ALA E 29 -26.83 6.88 -6.74
N PRO E 30 -27.36 6.31 -5.64
CA PRO E 30 -26.69 6.37 -4.34
C PRO E 30 -25.25 5.91 -4.50
N CYS E 31 -25.06 4.88 -5.31
CA CYS E 31 -23.73 4.33 -5.58
C CYS E 31 -23.34 4.68 -7.00
N GLN E 32 -22.20 5.32 -7.15
CA GLN E 32 -21.76 5.74 -8.46
C GLN E 32 -20.25 5.69 -8.63
N VAL E 33 -19.80 4.91 -9.61
CA VAL E 33 -18.37 4.76 -9.89
C VAL E 33 -18.09 5.31 -11.29
N VAL E 34 -16.99 6.07 -11.43
CA VAL E 34 -16.64 6.66 -12.71
C VAL E 34 -15.20 6.44 -13.12
N LEU E 35 -14.98 6.18 -14.40
CA LEU E 35 -13.64 5.98 -14.93
C LEU E 35 -13.36 6.81 -16.18
N GLN E 36 -12.45 7.78 -16.06
CA GLN E 36 -12.07 8.66 -17.16
C GLN E 36 -10.57 8.62 -17.37
N GLY E 37 -10.13 9.18 -18.49
CA GLY E 37 -8.72 9.20 -18.79
C GLY E 37 -7.89 9.51 -17.56
N ALA E 38 -6.96 8.61 -17.24
CA ALA E 38 -6.04 8.71 -16.09
C ALA E 38 -6.23 7.45 -15.27
N GLU E 39 -7.37 7.37 -14.56
CA GLU E 39 -7.64 6.19 -13.76
C GLU E 39 -8.24 5.10 -14.65
N LEU E 40 -8.84 5.51 -15.76
CA LEU E 40 -9.43 4.54 -16.68
C LEU E 40 -8.30 3.84 -17.43
N ASN E 41 -7.34 4.64 -17.88
CA ASN E 41 -6.19 4.10 -18.59
C ASN E 41 -5.46 3.17 -17.61
N GLY E 42 -5.41 3.59 -16.35
CA GLY E 42 -4.77 2.79 -15.32
C GLY E 42 -5.43 1.43 -15.20
N ILE E 43 -6.76 1.43 -15.08
CA ILE E 43 -7.51 0.19 -14.98
C ILE E 43 -7.23 -0.67 -16.20
N LEU E 44 -7.28 -0.07 -17.39
CA LEU E 44 -7.02 -0.78 -18.63
C LEU E 44 -5.65 -1.43 -18.58
N GLN E 45 -4.61 -0.65 -18.24
CA GLN E 45 -3.27 -1.21 -18.15
C GLN E 45 -3.25 -2.44 -17.26
N ALA E 46 -4.00 -2.39 -16.17
CA ALA E 46 -4.07 -3.51 -15.23
C ALA E 46 -4.80 -4.73 -15.77
N PHE E 47 -5.94 -4.50 -16.43
CA PHE E 47 -6.72 -5.61 -16.97
C PHE E 47 -6.13 -6.22 -18.24
N ALA E 48 -5.27 -5.48 -18.92
CA ALA E 48 -4.67 -5.97 -20.16
C ALA E 48 -4.12 -7.40 -20.09
N PRO E 49 -3.10 -7.65 -19.23
CA PRO E 49 -2.55 -9.00 -19.14
C PRO E 49 -3.48 -10.06 -18.57
N LEU E 50 -4.52 -9.63 -17.86
CA LEU E 50 -5.47 -10.56 -17.26
C LEU E 50 -6.33 -11.21 -18.35
N ARG E 51 -6.35 -10.59 -19.52
CA ARG E 51 -7.12 -11.08 -20.65
C ARG E 51 -8.56 -11.50 -20.32
N THR E 52 -8.87 -12.78 -20.44
CA THR E 52 -10.23 -13.25 -20.17
C THR E 52 -10.36 -14.07 -18.89
N SER E 53 -9.29 -14.12 -18.10
CA SER E 53 -9.28 -14.90 -16.87
C SER E 53 -10.34 -14.54 -15.81
N LEU E 54 -10.83 -13.31 -15.83
CA LEU E 54 -11.83 -12.89 -14.85
C LEU E 54 -13.22 -12.58 -15.40
N LEU E 55 -13.39 -12.65 -16.71
CA LEU E 55 -14.69 -12.37 -17.34
C LEU E 55 -15.85 -13.08 -16.64
N ASP E 56 -15.57 -14.25 -16.06
CA ASP E 56 -16.59 -15.00 -15.35
C ASP E 56 -16.14 -14.92 -13.90
N SER E 57 -16.80 -14.10 -13.10
CA SER E 57 -16.42 -13.94 -11.71
C SER E 57 -17.49 -13.26 -10.86
N LEU E 58 -17.14 -13.07 -9.58
CA LEU E 58 -18.03 -12.43 -8.65
C LEU E 58 -17.49 -11.05 -8.26
N LEU E 59 -18.25 -10.01 -8.56
CA LEU E 59 -17.85 -8.65 -8.21
C LEU E 59 -18.43 -8.28 -6.85
N VAL E 60 -17.61 -8.27 -5.82
CA VAL E 60 -18.08 -7.91 -4.49
C VAL E 60 -17.72 -6.46 -4.26
N MET E 61 -18.71 -5.58 -4.31
CA MET E 61 -18.42 -4.18 -4.10
C MET E 61 -19.14 -3.56 -2.91
N GLY E 62 -18.61 -2.43 -2.48
CA GLY E 62 -19.17 -1.71 -1.36
C GLY E 62 -18.21 -0.56 -1.18
N ASP E 63 -18.10 -0.01 0.03
CA ASP E 63 -17.15 1.07 0.21
C ASP E 63 -15.81 0.36 0.13
N ARG E 64 -14.73 1.11 0.13
CA ARG E 64 -13.40 0.52 0.01
C ARG E 64 -13.10 0.12 -1.43
N GLY E 65 -14.11 -0.39 -2.13
CA GLY E 65 -13.91 -0.74 -3.53
C GLY E 65 -14.60 -2.00 -4.02
N ILE E 66 -14.24 -2.44 -5.23
CA ILE E 66 -14.78 -3.64 -5.82
C ILE E 66 -13.76 -4.76 -5.67
N LEU E 67 -14.18 -5.87 -5.07
CA LEU E 67 -13.31 -7.03 -4.87
C LEU E 67 -13.74 -8.12 -5.85
N ILE E 68 -12.95 -8.34 -6.90
CA ILE E 68 -13.28 -9.35 -7.88
C ILE E 68 -12.74 -10.69 -7.45
N HIS E 69 -13.62 -11.67 -7.33
CA HIS E 69 -13.24 -13.02 -6.91
C HIS E 69 -13.52 -14.05 -7.97
N ASN E 70 -12.60 -15.00 -8.14
CA ASN E 70 -12.73 -16.03 -9.14
C ASN E 70 -12.14 -17.35 -8.65
N THR E 71 -12.04 -18.32 -9.54
CA THR E 71 -11.48 -19.63 -9.25
C THR E 71 -10.84 -20.12 -10.54
N ILE E 72 -9.53 -20.33 -10.50
CA ILE E 72 -8.81 -20.80 -11.66
C ILE E 72 -8.09 -22.09 -11.30
N PHE E 73 -8.42 -23.15 -12.04
CA PHE E 73 -7.85 -24.46 -11.80
C PHE E 73 -8.13 -24.82 -10.35
N GLY E 74 -9.27 -24.34 -9.86
CA GLY E 74 -9.69 -24.62 -8.49
C GLY E 74 -9.04 -23.81 -7.39
N GLU E 75 -8.07 -22.98 -7.73
CA GLU E 75 -7.39 -22.16 -6.70
C GLU E 75 -8.04 -20.79 -6.57
N GLN E 76 -7.99 -20.24 -5.37
CA GLN E 76 -8.57 -18.92 -5.06
C GLN E 76 -7.86 -17.73 -5.70
N VAL E 77 -8.61 -16.97 -6.49
CA VAL E 77 -8.08 -15.78 -7.18
C VAL E 77 -8.87 -14.52 -6.78
N PHE E 78 -8.14 -13.43 -6.49
CA PHE E 78 -8.76 -12.16 -6.08
C PHE E 78 -8.10 -10.96 -6.78
N LEU E 79 -8.91 -9.98 -7.15
CA LEU E 79 -8.40 -8.75 -7.76
C LEU E 79 -9.09 -7.60 -7.03
N PRO E 80 -8.41 -6.97 -6.10
CA PRO E 80 -8.98 -5.86 -5.34
C PRO E 80 -8.80 -4.52 -6.03
N LEU E 81 -9.90 -3.86 -6.37
CA LEU E 81 -9.82 -2.56 -7.03
C LEU E 81 -10.16 -1.49 -6.00
N GLU E 82 -9.14 -0.95 -5.35
CA GLU E 82 -9.33 0.08 -4.32
C GLU E 82 -10.07 1.28 -4.91
N HIS E 83 -11.05 1.80 -4.18
CA HIS E 83 -11.81 2.94 -4.67
C HIS E 83 -10.86 4.03 -5.13
N SER E 84 -9.73 4.16 -4.44
CA SER E 84 -8.75 5.18 -4.82
C SER E 84 -8.29 5.02 -6.26
N GLN E 85 -8.58 3.88 -6.87
CA GLN E 85 -8.16 3.67 -8.25
C GLN E 85 -9.18 4.18 -9.29
N PHE E 86 -10.34 4.64 -8.84
CA PHE E 86 -11.37 5.15 -9.76
C PHE E 86 -11.37 6.69 -9.79
N SER E 87 -11.86 7.27 -10.88
CA SER E 87 -11.91 8.72 -11.01
C SER E 87 -12.78 9.28 -9.88
N ARG E 88 -13.92 8.63 -9.67
CA ARG E 88 -14.87 9.02 -8.64
C ARG E 88 -15.50 7.74 -8.13
N TYR E 89 -15.71 7.64 -6.83
CA TYR E 89 -16.29 6.44 -6.27
C TYR E 89 -17.18 6.75 -5.06
N ARG E 90 -18.49 6.66 -5.25
CA ARG E 90 -19.42 6.94 -4.16
C ARG E 90 -20.23 5.68 -3.83
N TRP E 91 -20.31 5.32 -2.56
CA TRP E 91 -21.07 4.15 -2.13
C TRP E 91 -21.96 4.45 -0.93
N ARG E 92 -23.08 3.73 -0.83
CA ARG E 92 -24.03 3.85 0.27
C ARG E 92 -24.74 2.51 0.31
N GLY E 93 -25.15 2.11 1.52
CA GLY E 93 -25.87 0.85 1.65
C GLY E 93 -24.99 -0.37 1.89
N PRO E 94 -25.59 -1.51 2.23
CA PRO E 94 -24.85 -2.77 2.48
C PRO E 94 -23.95 -3.09 1.30
N THR E 95 -23.02 -4.01 1.51
CA THR E 95 -22.12 -4.38 0.44
C THR E 95 -22.97 -5.18 -0.53
N ALA E 96 -22.70 -5.06 -1.83
CA ALA E 96 -23.46 -5.77 -2.85
C ALA E 96 -22.57 -6.68 -3.71
N ALA E 97 -23.10 -7.84 -4.05
CA ALA E 97 -22.37 -8.80 -4.87
C ALA E 97 -23.10 -8.96 -6.21
N PHE E 98 -22.32 -9.06 -7.29
CA PHE E 98 -22.88 -9.23 -8.64
C PHE E 98 -22.05 -10.22 -9.44
N LEU E 99 -22.72 -11.10 -10.18
CA LEU E 99 -21.98 -12.04 -11.01
C LEU E 99 -21.55 -11.19 -12.20
N SER E 100 -20.38 -11.48 -12.75
CA SER E 100 -19.87 -10.72 -13.89
C SER E 100 -20.59 -11.02 -15.20
N LEU E 101 -21.05 -12.25 -15.37
CA LEU E 101 -21.74 -12.64 -16.59
C LEU E 101 -23.17 -12.12 -16.69
N VAL E 102 -23.50 -11.63 -17.88
CA VAL E 102 -24.82 -11.11 -18.19
C VAL E 102 -25.13 -11.63 -19.57
N ASP E 103 -25.87 -12.73 -19.65
CA ASP E 103 -26.22 -13.33 -20.92
C ASP E 103 -24.98 -13.99 -21.53
N GLN E 104 -24.61 -15.14 -20.96
CA GLN E 104 -23.47 -15.92 -21.41
C GLN E 104 -22.23 -15.13 -21.81
N LYS E 105 -22.07 -14.88 -23.11
CA LYS E 105 -20.91 -14.18 -23.65
C LYS E 105 -20.93 -12.65 -23.59
N ARG E 106 -21.24 -12.10 -22.42
CA ARG E 106 -21.27 -10.67 -22.20
C ARG E 106 -20.94 -10.49 -20.73
N SER E 107 -19.82 -9.84 -20.44
CA SER E 107 -19.43 -9.66 -19.06
C SER E 107 -19.26 -8.20 -18.66
N LEU E 108 -19.45 -7.95 -17.37
CA LEU E 108 -19.30 -6.61 -16.80
C LEU E 108 -17.83 -6.19 -16.82
N LEU E 109 -16.94 -7.13 -17.07
CA LEU E 109 -15.53 -6.84 -17.13
C LEU E 109 -14.97 -6.86 -18.54
N SER E 110 -15.80 -7.31 -19.49
CA SER E 110 -15.43 -7.36 -20.91
C SER E 110 -14.96 -5.98 -21.38
N VAL E 111 -15.63 -4.94 -20.89
CA VAL E 111 -15.32 -3.57 -21.25
C VAL E 111 -13.84 -3.25 -21.08
N PHE E 112 -13.20 -3.92 -20.13
CA PHE E 112 -11.80 -3.70 -19.84
C PHE E 112 -10.87 -4.59 -20.63
N ARG E 113 -11.46 -5.52 -21.38
CA ARG E 113 -10.70 -6.45 -22.22
C ARG E 113 -9.73 -5.70 -23.13
N ALA E 114 -8.58 -6.32 -23.39
CA ALA E 114 -7.50 -5.78 -24.22
C ALA E 114 -7.86 -4.69 -25.23
N ASN E 115 -8.63 -5.03 -26.26
CA ASN E 115 -9.01 -4.03 -27.26
C ASN E 115 -10.46 -4.03 -27.70
N GLN E 116 -11.35 -4.62 -26.89
CA GLN E 116 -12.76 -4.66 -27.25
C GLN E 116 -13.35 -3.29 -27.58
N TYR E 117 -12.77 -2.25 -27.01
CA TYR E 117 -13.23 -0.89 -27.25
C TYR E 117 -12.01 0.01 -27.40
N PRO E 118 -11.41 0.02 -28.59
CA PRO E 118 -10.22 0.84 -28.87
C PRO E 118 -10.50 2.34 -28.91
N ASP E 119 -11.47 2.78 -28.13
CA ASP E 119 -11.84 4.18 -28.06
C ASP E 119 -12.49 4.53 -26.72
N LEU E 120 -12.53 3.55 -25.81
CA LEU E 120 -13.14 3.75 -24.51
C LEU E 120 -12.80 5.12 -23.93
N ARG E 121 -13.84 5.89 -23.64
CA ARG E 121 -13.67 7.23 -23.11
C ARG E 121 -14.04 7.33 -21.64
N ARG E 122 -15.14 6.67 -21.30
CA ARG E 122 -15.67 6.73 -19.94
C ARG E 122 -16.46 5.46 -19.66
N VAL E 123 -16.45 5.04 -18.40
CA VAL E 123 -17.18 3.84 -17.99
C VAL E 123 -17.77 4.18 -16.64
N GLU E 124 -19.09 4.02 -16.51
CA GLU E 124 -19.74 4.30 -15.24
C GLU E 124 -20.48 3.09 -14.70
N LEU E 125 -20.62 3.06 -13.39
CA LEU E 125 -21.30 1.98 -12.69
C LEU E 125 -22.28 2.67 -11.76
N ALA E 126 -23.53 2.25 -11.80
CA ALA E 126 -24.54 2.85 -10.93
C ALA E 126 -25.41 1.79 -10.30
N ILE E 127 -25.45 1.80 -8.97
CA ILE E 127 -26.28 0.84 -8.26
C ILE E 127 -27.44 1.59 -7.62
N THR E 128 -28.65 1.22 -8.04
CA THR E 128 -29.87 1.85 -7.55
C THR E 128 -30.80 0.82 -6.95
N GLY E 129 -31.73 1.27 -6.12
CA GLY E 129 -32.67 0.35 -5.52
C GLY E 129 -32.45 0.14 -4.04
N GLN E 130 -33.13 -0.85 -3.50
CA GLN E 130 -33.03 -1.19 -2.08
C GLN E 130 -32.50 -2.59 -1.95
N ALA E 131 -31.63 -2.80 -0.98
CA ALA E 131 -31.09 -4.14 -0.77
C ALA E 131 -32.26 -5.01 -0.34
N PRO E 132 -32.27 -6.29 -0.72
CA PRO E 132 -31.29 -6.99 -1.54
C PRO E 132 -31.71 -7.04 -2.99
N PHE E 133 -32.34 -5.98 -3.47
CA PHE E 133 -32.79 -5.98 -4.86
C PHE E 133 -32.32 -4.77 -5.63
N ARG E 134 -31.06 -4.41 -5.43
CA ARG E 134 -30.49 -3.28 -6.15
C ARG E 134 -30.01 -3.87 -7.46
N THR E 135 -29.69 -3.01 -8.41
CA THR E 135 -29.19 -3.46 -9.69
C THR E 135 -28.08 -2.51 -10.16
N LEU E 136 -27.15 -3.08 -10.91
CA LEU E 136 -26.02 -2.33 -11.43
C LEU E 136 -26.20 -2.01 -12.90
N VAL E 137 -25.78 -0.81 -13.29
CA VAL E 137 -25.90 -0.41 -14.67
C VAL E 137 -24.55 0.09 -15.17
N GLN E 138 -24.03 -0.56 -16.21
CA GLN E 138 -22.77 -0.18 -16.79
C GLN E 138 -22.98 0.56 -18.10
N ARG E 139 -22.63 1.85 -18.12
CA ARG E 139 -22.74 2.67 -19.31
C ARG E 139 -21.34 2.89 -19.87
N ILE E 140 -21.21 2.76 -21.19
CA ILE E 140 -19.93 2.93 -21.83
C ILE E 140 -19.91 4.07 -22.83
N TRP E 141 -18.91 4.94 -22.69
CA TRP E 141 -18.74 6.09 -23.57
C TRP E 141 -17.51 5.90 -24.46
N THR E 142 -17.63 6.30 -25.72
CA THR E 142 -16.52 6.17 -26.66
C THR E 142 -16.34 7.50 -27.39
N THR E 143 -15.34 7.53 -28.27
CA THR E 143 -15.04 8.71 -29.07
C THR E 143 -15.62 8.55 -30.48
N THR E 144 -16.12 9.66 -31.04
CA THR E 144 -16.68 9.64 -32.38
C THR E 144 -16.25 10.85 -33.18
N SER E 145 -16.99 11.14 -34.25
CA SER E 145 -16.72 12.26 -35.14
C SER E 145 -16.13 13.47 -34.42
N ASP E 146 -14.80 13.52 -34.38
CA ASP E 146 -14.04 14.61 -33.76
C ASP E 146 -13.84 14.56 -32.25
N GLY E 147 -13.13 13.55 -31.75
CA GLY E 147 -12.88 13.45 -30.32
C GLY E 147 -14.11 13.73 -29.49
N GLU E 148 -15.24 13.27 -30.00
CA GLU E 148 -16.54 13.44 -29.39
C GLU E 148 -16.77 12.23 -28.47
N ALA E 149 -17.25 12.48 -27.26
CA ALA E 149 -17.51 11.38 -26.32
C ALA E 149 -19.01 11.05 -26.32
N VAL E 150 -19.42 10.06 -27.11
CA VAL E 150 -20.83 9.70 -27.15
C VAL E 150 -21.11 8.45 -26.32
N GLU E 151 -22.32 8.37 -25.76
CA GLU E 151 -22.71 7.22 -24.96
C GLU E 151 -23.24 6.12 -25.85
N LEU E 152 -22.68 4.92 -25.71
CA LEU E 152 -23.11 3.77 -26.49
C LEU E 152 -24.24 3.06 -25.76
N ALA E 153 -25.40 3.73 -25.71
CA ALA E 153 -26.59 3.21 -25.04
C ALA E 153 -26.89 1.73 -25.24
N SER E 154 -26.61 1.21 -26.43
CA SER E 154 -26.85 -0.20 -26.75
C SER E 154 -25.90 -1.12 -25.97
N GLU E 155 -24.73 -0.59 -25.60
CA GLU E 155 -23.74 -1.35 -24.85
C GLU E 155 -24.09 -1.47 -23.37
N THR E 156 -25.00 -0.62 -22.90
CA THR E 156 -25.43 -0.64 -21.52
C THR E 156 -25.68 -2.06 -21.00
N LEU E 157 -25.25 -2.33 -19.78
CA LEU E 157 -25.44 -3.65 -19.16
C LEU E 157 -26.11 -3.51 -17.81
N MET E 158 -27.02 -4.43 -17.50
CA MET E 158 -27.72 -4.42 -16.22
C MET E 158 -27.48 -5.77 -15.58
N LYS E 159 -27.42 -5.78 -14.25
CA LYS E 159 -27.23 -7.01 -13.50
C LYS E 159 -27.82 -6.81 -12.13
N ARG E 160 -28.69 -7.74 -11.73
CA ARG E 160 -29.35 -7.67 -10.44
C ARG E 160 -28.42 -8.13 -9.32
N GLU E 161 -28.57 -7.52 -8.16
CA GLU E 161 -27.81 -7.87 -6.98
C GLU E 161 -28.06 -9.37 -6.72
N LEU E 162 -27.19 -10.02 -5.96
CA LEU E 162 -27.37 -11.44 -5.71
C LEU E 162 -28.39 -11.88 -4.66
N THR E 163 -29.00 -10.94 -3.93
CA THR E 163 -30.00 -11.29 -2.92
C THR E 163 -29.31 -11.91 -1.73
N SER E 164 -28.61 -13.01 -1.98
CA SER E 164 -27.87 -13.71 -0.94
C SER E 164 -26.56 -14.22 -1.52
N PHE E 165 -25.48 -14.09 -0.75
CA PHE E 165 -24.17 -14.54 -1.21
C PHE E 165 -23.18 -14.64 -0.05
N VAL E 166 -22.15 -15.46 -0.25
CA VAL E 166 -21.10 -15.62 0.75
C VAL E 166 -19.81 -15.92 0.04
N VAL E 167 -18.78 -15.15 0.37
CA VAL E 167 -17.47 -15.34 -0.23
C VAL E 167 -16.45 -15.43 0.88
N LEU E 168 -15.63 -16.47 0.86
CA LEU E 168 -14.60 -16.61 1.86
C LEU E 168 -13.42 -15.79 1.35
N VAL E 169 -12.97 -14.85 2.16
CA VAL E 169 -11.88 -13.97 1.77
C VAL E 169 -10.70 -13.97 2.74
N PRO E 170 -9.47 -13.95 2.20
CA PRO E 170 -8.28 -13.94 3.06
C PRO E 170 -8.24 -12.70 3.92
N GLN E 171 -7.66 -12.85 5.11
CA GLN E 171 -7.53 -11.75 6.05
C GLN E 171 -6.39 -12.08 7.00
N GLY E 172 -5.92 -11.09 7.75
CA GLY E 172 -4.81 -11.34 8.65
C GLY E 172 -3.48 -10.82 8.12
N THR E 173 -2.46 -10.82 8.99
CA THR E 173 -1.15 -10.34 8.60
C THR E 173 -0.20 -11.48 8.27
N PRO E 174 0.43 -11.42 7.08
CA PRO E 174 1.36 -12.48 6.70
C PRO E 174 2.56 -12.52 7.63
N ASP E 175 2.99 -13.72 7.99
CA ASP E 175 4.12 -13.87 8.87
C ASP E 175 5.40 -13.45 8.18
N VAL E 176 5.51 -13.81 6.91
CA VAL E 176 6.68 -13.47 6.13
C VAL E 176 6.24 -13.04 4.74
N GLN E 177 7.05 -12.18 4.12
CA GLN E 177 6.82 -11.69 2.77
C GLN E 177 8.13 -11.64 2.00
N LEU E 178 8.11 -12.10 0.76
CA LEU E 178 9.30 -12.10 -0.08
C LEU E 178 8.91 -11.58 -1.46
N ARG E 179 9.39 -10.37 -1.79
CA ARG E 179 9.07 -9.78 -3.08
C ARG E 179 10.05 -10.23 -4.16
N LEU E 180 9.52 -10.88 -5.19
CA LEU E 180 10.33 -11.37 -6.29
C LEU E 180 10.08 -10.61 -7.58
N THR E 181 11.11 -10.55 -8.42
CA THR E 181 11.02 -9.89 -9.72
C THR E 181 10.46 -10.93 -10.69
N ARG E 182 10.02 -10.47 -11.86
CA ARG E 182 9.46 -11.38 -12.86
C ARG E 182 10.30 -12.64 -13.07
N PRO E 183 11.59 -12.47 -13.42
CA PRO E 183 12.43 -13.65 -13.63
C PRO E 183 12.55 -14.53 -12.39
N GLN E 184 12.65 -13.90 -11.22
CA GLN E 184 12.78 -14.63 -9.96
C GLN E 184 11.53 -15.45 -9.66
N LEU E 185 10.35 -14.92 -9.99
CA LEU E 185 9.10 -15.62 -9.76
C LEU E 185 8.93 -16.77 -10.76
N THR E 186 9.31 -16.52 -12.00
CA THR E 186 9.21 -17.57 -13.02
C THR E 186 10.16 -18.68 -12.66
N LYS E 187 11.33 -18.31 -12.13
CA LYS E 187 12.33 -19.29 -11.74
C LYS E 187 11.79 -20.14 -10.59
N VAL E 188 11.02 -19.52 -9.70
CA VAL E 188 10.43 -20.26 -8.58
C VAL E 188 9.34 -21.20 -9.11
N LEU E 189 8.58 -20.74 -10.09
CA LEU E 189 7.49 -21.53 -10.68
C LEU E 189 8.00 -22.71 -11.48
N ASN E 190 9.08 -22.51 -12.24
CA ASN E 190 9.64 -23.58 -13.05
C ASN E 190 10.24 -24.64 -12.13
N ALA E 191 10.48 -24.26 -10.88
CA ALA E 191 11.06 -25.18 -9.93
C ALA E 191 10.02 -25.97 -9.13
N THR E 192 8.75 -25.60 -9.26
CA THR E 192 7.68 -26.29 -8.54
C THR E 192 7.18 -27.52 -9.32
N GLY E 193 6.80 -28.56 -8.58
CA GLY E 193 6.30 -29.77 -9.20
C GLY E 193 4.80 -29.61 -9.43
N ALA E 194 4.36 -29.77 -10.67
CA ALA E 194 2.95 -29.61 -11.01
C ALA E 194 2.08 -30.86 -10.87
N ASP E 195 2.24 -31.58 -9.77
CA ASP E 195 1.43 -32.77 -9.52
C ASP E 195 1.55 -33.24 -8.08
N SER E 196 0.63 -34.11 -7.67
CA SER E 196 0.62 -34.63 -6.30
C SER E 196 1.80 -35.55 -6.04
N ALA E 197 2.38 -36.07 -7.11
CA ALA E 197 3.52 -36.97 -7.00
C ALA E 197 4.77 -36.24 -6.52
N THR E 198 5.02 -35.06 -7.08
CA THR E 198 6.20 -34.27 -6.72
C THR E 198 5.87 -33.04 -5.88
N PRO E 199 5.85 -33.18 -4.54
CA PRO E 199 5.54 -32.05 -3.67
C PRO E 199 6.66 -30.98 -3.71
N THR E 200 6.27 -29.73 -3.46
CA THR E 200 7.23 -28.64 -3.48
C THR E 200 7.40 -28.06 -2.09
N THR E 201 8.64 -27.75 -1.72
CA THR E 201 8.92 -27.20 -0.41
C THR E 201 9.41 -25.76 -0.45
N PHE E 202 8.86 -24.95 0.44
CA PHE E 202 9.26 -23.56 0.56
C PHE E 202 9.94 -23.44 1.91
N GLU E 203 11.20 -23.00 1.91
CA GLU E 203 11.93 -22.88 3.16
C GLU E 203 12.65 -21.56 3.34
N LEU E 204 12.54 -21.00 4.54
CA LEU E 204 13.21 -19.75 4.87
C LEU E 204 14.16 -20.15 5.99
N GLY E 205 15.46 -20.08 5.72
CA GLY E 205 16.41 -20.45 6.73
C GLY E 205 17.24 -19.31 7.30
N VAL E 206 18.31 -19.71 7.99
CA VAL E 206 19.23 -18.77 8.60
C VAL E 206 19.74 -17.78 7.55
N ASN E 207 20.01 -16.56 8.03
CA ASN E 207 20.51 -15.49 7.18
C ASN E 207 19.73 -15.23 5.90
N GLY E 208 18.40 -15.26 6.01
CA GLY E 208 17.54 -15.00 4.88
C GLY E 208 17.68 -15.92 3.68
N LYS E 209 18.15 -17.15 3.90
CA LYS E 209 18.30 -18.06 2.79
C LYS E 209 16.91 -18.58 2.45
N PHE E 210 16.46 -18.27 1.24
CA PHE E 210 15.13 -18.69 0.80
C PHE E 210 15.28 -19.74 -0.29
N SER E 211 14.65 -20.89 -0.09
CA SER E 211 14.76 -21.97 -1.08
C SER E 211 13.42 -22.55 -1.47
N VAL E 212 13.34 -22.96 -2.73
CA VAL E 212 12.13 -23.59 -3.28
C VAL E 212 12.67 -24.85 -3.92
N PHE E 213 12.30 -26.01 -3.39
CA PHE E 213 12.81 -27.25 -3.97
C PHE E 213 11.83 -28.40 -4.10
N THR E 214 12.24 -29.39 -4.89
CA THR E 214 11.51 -30.62 -5.11
C THR E 214 12.61 -31.67 -5.10
N THR E 215 12.26 -32.94 -5.23
CA THR E 215 13.30 -33.96 -5.24
C THR E 215 14.29 -33.68 -6.35
N SER E 216 13.87 -32.91 -7.36
CA SER E 216 14.75 -32.66 -8.49
C SER E 216 14.94 -31.21 -8.94
N THR E 217 14.45 -30.26 -8.18
CA THR E 217 14.65 -28.86 -8.55
C THR E 217 15.10 -28.08 -7.34
N CYS E 218 15.62 -26.89 -7.59
CA CYS E 218 16.08 -26.06 -6.50
C CYS E 218 16.39 -24.66 -6.96
N VAL E 219 15.95 -23.71 -6.14
CA VAL E 219 16.20 -22.32 -6.42
C VAL E 219 16.42 -21.75 -5.05
N THR E 220 17.47 -20.95 -4.90
CA THR E 220 17.74 -20.36 -3.61
C THR E 220 18.05 -18.88 -3.84
N PHE E 221 17.47 -18.02 -3.01
CA PHE E 221 17.71 -16.60 -3.12
C PHE E 221 18.18 -16.14 -1.75
N ALA E 222 18.66 -14.91 -1.70
CA ALA E 222 19.14 -14.35 -0.44
C ALA E 222 18.21 -13.19 -0.11
N ALA E 223 17.44 -13.34 0.94
CA ALA E 223 16.51 -12.31 1.36
C ALA E 223 17.14 -11.18 2.18
N ARG E 224 16.86 -9.93 1.82
CA ARG E 224 17.36 -8.80 2.58
C ARG E 224 16.16 -8.21 3.31
N GLU E 225 16.32 -7.98 4.61
CA GLU E 225 15.25 -7.43 5.46
C GLU E 225 14.86 -5.97 5.22
N GLU E 226 13.56 -5.71 5.16
CA GLU E 226 13.07 -4.34 4.96
C GLU E 226 12.20 -3.87 6.13
N GLY E 227 11.78 -4.78 6.98
CA GLY E 227 10.93 -4.40 8.09
C GLY E 227 11.69 -3.65 9.14
N VAL E 228 11.06 -2.62 9.72
CA VAL E 228 11.72 -1.83 10.75
C VAL E 228 11.96 -2.68 12.01
N SER E 229 10.91 -3.30 12.51
CA SER E 229 10.99 -4.12 13.70
C SER E 229 12.06 -5.20 13.60
N SER E 230 11.95 -6.04 12.57
CA SER E 230 12.89 -7.14 12.36
C SER E 230 14.31 -6.68 12.15
N SER E 231 14.46 -5.62 11.38
CA SER E 231 15.76 -5.05 11.07
C SER E 231 16.50 -4.50 12.28
N THR E 232 15.79 -3.74 13.12
CA THR E 232 16.45 -3.13 14.27
C THR E 232 16.60 -4.10 15.44
N SER E 233 15.87 -5.21 15.39
CA SER E 233 15.92 -6.18 16.46
C SER E 233 16.84 -7.37 16.18
N THR E 234 17.33 -7.47 14.95
CA THR E 234 18.23 -8.55 14.59
C THR E 234 19.58 -8.02 14.14
N ASN E 252 23.69 -11.11 -5.96
CA ASN E 252 23.62 -10.82 -7.39
C ASN E 252 22.14 -10.76 -7.79
N ALA E 253 21.77 -11.50 -8.82
CA ALA E 253 20.38 -11.53 -9.28
C ALA E 253 19.65 -12.52 -8.38
N LYS E 254 20.35 -12.94 -7.34
CA LYS E 254 19.83 -13.89 -6.38
C LYS E 254 19.19 -13.20 -5.18
N THR E 255 19.50 -11.92 -4.99
CA THR E 255 18.94 -11.20 -3.86
C THR E 255 17.45 -10.88 -4.05
N VAL E 256 16.71 -10.97 -2.95
CA VAL E 256 15.28 -10.72 -2.93
C VAL E 256 15.02 -9.88 -1.69
N TYR E 257 13.88 -9.20 -1.64
CA TYR E 257 13.58 -8.37 -0.48
C TYR E 257 12.41 -8.91 0.31
N GLY E 258 12.52 -8.87 1.64
CA GLY E 258 11.45 -9.41 2.45
C GLY E 258 11.13 -8.74 3.77
N GLU E 259 10.04 -9.21 4.37
CA GLU E 259 9.57 -8.68 5.62
C GLU E 259 9.52 -9.80 6.66
N ASN E 260 10.21 -9.58 7.77
CA ASN E 260 10.30 -10.56 8.86
C ASN E 260 11.01 -11.83 8.39
N THR E 261 12.16 -11.63 7.76
CA THR E 261 12.97 -12.70 7.23
C THR E 261 13.63 -13.52 8.33
N HIS E 262 13.46 -13.07 9.58
CA HIS E 262 14.03 -13.74 10.73
C HIS E 262 13.13 -14.92 11.10
N ARG E 263 11.89 -14.90 10.64
CA ARG E 263 10.94 -15.98 10.94
C ARG E 263 11.13 -17.17 10.00
N THR E 264 12.16 -17.96 10.26
CA THR E 264 12.45 -19.12 9.43
C THR E 264 11.24 -20.05 9.41
N PHE E 265 11.17 -20.93 8.42
CA PHE E 265 10.06 -21.84 8.31
C PHE E 265 10.24 -22.77 7.13
N SER E 266 9.43 -23.80 7.08
CA SER E 266 9.46 -24.78 6.00
C SER E 266 8.02 -25.27 5.79
N VAL E 267 7.51 -25.09 4.59
CA VAL E 267 6.16 -25.52 4.26
C VAL E 267 6.16 -26.23 2.93
N VAL E 268 5.24 -27.15 2.75
CA VAL E 268 5.16 -27.85 1.49
C VAL E 268 3.77 -27.67 0.90
N VAL E 269 3.72 -27.40 -0.40
CA VAL E 269 2.47 -27.25 -1.11
C VAL E 269 2.38 -28.54 -1.92
N ASP E 270 1.69 -29.53 -1.37
CA ASP E 270 1.54 -30.82 -2.01
C ASP E 270 0.67 -30.76 -3.25
N ASP E 271 -0.14 -29.72 -3.35
CA ASP E 271 -1.02 -29.54 -4.50
C ASP E 271 -0.25 -29.54 -5.81
N CYS E 272 -0.72 -28.74 -6.77
CA CYS E 272 -0.08 -28.66 -8.08
C CYS E 272 -0.86 -27.71 -8.99
N SER E 273 -0.74 -26.43 -8.74
CA SER E 273 -1.46 -25.45 -9.54
C SER E 273 -0.76 -24.11 -9.70
N MET E 274 0.02 -23.71 -8.70
CA MET E 274 0.72 -22.43 -8.74
C MET E 274 1.18 -21.94 -10.12
N ARG E 275 2.06 -22.69 -10.79
CA ARG E 275 2.56 -22.27 -12.09
C ARG E 275 1.49 -22.18 -13.16
N ALA E 276 0.51 -23.07 -13.12
CA ALA E 276 -0.57 -23.03 -14.09
C ALA E 276 -1.40 -21.76 -13.87
N VAL E 277 -1.92 -21.60 -12.67
CA VAL E 277 -2.71 -20.43 -12.36
C VAL E 277 -1.98 -19.12 -12.63
N LEU E 278 -0.77 -18.98 -12.09
CA LEU E 278 -0.02 -17.75 -12.28
C LEU E 278 0.40 -17.46 -13.72
N ARG E 279 0.65 -18.49 -14.51
CA ARG E 279 1.01 -18.24 -15.90
C ARG E 279 -0.26 -17.87 -16.68
N ARG E 280 -1.40 -18.39 -16.25
CA ARG E 280 -2.66 -18.06 -16.92
C ARG E 280 -2.98 -16.58 -16.70
N LEU E 281 -2.80 -16.13 -15.46
CA LEU E 281 -3.05 -14.74 -15.08
C LEU E 281 -1.93 -13.87 -15.61
N GLN E 282 -0.87 -14.52 -16.11
CA GLN E 282 0.30 -13.83 -16.64
C GLN E 282 0.97 -12.87 -15.66
N VAL E 283 1.12 -13.31 -14.42
CA VAL E 283 1.75 -12.50 -13.40
C VAL E 283 3.22 -12.33 -13.72
N GLY E 284 3.70 -11.09 -13.75
CA GLY E 284 5.11 -10.87 -14.04
C GLY E 284 5.81 -10.62 -12.73
N GLY E 285 5.98 -11.66 -11.93
CA GLY E 285 6.63 -11.46 -10.64
C GLY E 285 5.70 -10.81 -9.60
N GLY E 286 5.90 -11.17 -8.34
CA GLY E 286 5.08 -10.61 -7.28
C GLY E 286 5.68 -10.86 -5.93
N THR E 287 4.89 -10.73 -4.87
CA THR E 287 5.42 -10.96 -3.55
C THR E 287 4.79 -12.21 -2.95
N LEU E 288 5.57 -13.03 -2.26
CA LEU E 288 5.05 -14.24 -1.64
C LEU E 288 4.74 -13.97 -0.19
N LYS E 289 3.45 -14.00 0.15
CA LYS E 289 2.99 -13.76 1.51
C LYS E 289 2.68 -15.09 2.16
N PHE E 290 3.44 -15.45 3.19
CA PHE E 290 3.21 -16.71 3.87
C PHE E 290 2.42 -16.50 5.15
N PHE E 291 1.35 -17.26 5.30
CA PHE E 291 0.51 -17.20 6.49
C PHE E 291 0.74 -18.53 7.19
N LEU E 292 1.55 -18.49 8.26
CA LEU E 292 1.93 -19.68 8.97
C LEU E 292 1.23 -20.00 10.28
N THR E 293 0.62 -19.00 10.91
CA THR E 293 -0.04 -19.23 12.19
C THR E 293 -1.30 -20.12 12.22
N THR E 294 -2.15 -20.04 11.20
CA THR E 294 -3.37 -20.87 11.19
C THR E 294 -3.08 -22.37 11.09
N PRO E 295 -4.10 -23.20 11.42
CA PRO E 295 -4.00 -24.67 11.38
C PRO E 295 -3.66 -25.16 9.98
N VAL E 296 -4.08 -24.38 9.00
CA VAL E 296 -3.77 -24.68 7.62
C VAL E 296 -3.08 -23.44 7.10
N PRO E 297 -1.75 -23.51 6.91
CA PRO E 297 -1.04 -22.34 6.40
C PRO E 297 -1.41 -22.10 4.95
N SER E 298 -1.26 -20.86 4.51
CA SER E 298 -1.59 -20.51 3.14
C SER E 298 -0.52 -19.60 2.56
N LEU E 299 -0.40 -19.62 1.23
CA LEU E 299 0.57 -18.77 0.54
C LEU E 299 -0.16 -17.90 -0.49
N CYS E 300 -0.16 -16.59 -0.25
CA CYS E 300 -0.80 -15.68 -1.17
C CYS E 300 0.25 -15.01 -2.05
N VAL E 301 0.09 -15.13 -3.37
CA VAL E 301 1.02 -14.53 -4.31
C VAL E 301 0.36 -13.34 -4.98
N THR E 302 0.69 -12.13 -4.53
CA THR E 302 0.12 -10.90 -5.11
C THR E 302 1.04 -10.29 -6.17
N ALA E 303 0.54 -10.24 -7.40
CA ALA E 303 1.30 -9.67 -8.52
C ALA E 303 1.80 -8.26 -8.25
N THR E 304 2.89 -7.87 -8.91
CA THR E 304 3.45 -6.54 -8.73
C THR E 304 3.45 -5.79 -10.05
N GLY E 305 3.02 -6.47 -11.11
CA GLY E 305 2.99 -5.82 -12.41
C GLY E 305 1.94 -4.73 -12.48
N PRO E 306 1.33 -4.53 -13.66
CA PRO E 306 0.30 -3.51 -13.89
C PRO E 306 -0.95 -3.73 -13.03
N ASN E 307 -1.05 -4.90 -12.42
CA ASN E 307 -2.19 -5.21 -11.55
C ASN E 307 -1.66 -5.94 -10.31
N ALA E 308 -2.52 -6.04 -9.29
CA ALA E 308 -2.16 -6.71 -8.06
C ALA E 308 -3.05 -7.91 -7.81
N VAL E 309 -3.30 -8.70 -8.85
CA VAL E 309 -4.12 -9.89 -8.67
C VAL E 309 -3.41 -10.81 -7.69
N SER E 310 -4.17 -11.69 -7.06
CA SER E 310 -3.61 -12.63 -6.11
C SER E 310 -4.20 -14.03 -6.30
N ALA E 311 -3.40 -15.03 -5.95
CA ALA E 311 -3.80 -16.43 -6.02
C ALA E 311 -3.42 -16.94 -4.66
N VAL E 312 -4.35 -17.55 -3.94
CA VAL E 312 -4.04 -18.03 -2.62
C VAL E 312 -4.07 -19.54 -2.60
N PHE E 313 -2.94 -20.15 -2.24
CA PHE E 313 -2.84 -21.60 -2.20
C PHE E 313 -2.70 -22.07 -0.76
N LEU E 314 -3.22 -23.25 -0.47
CA LEU E 314 -3.14 -23.81 0.87
C LEU E 314 -1.92 -24.74 0.95
N LEU E 315 -1.27 -24.74 2.10
CA LEU E 315 -0.09 -25.56 2.27
C LEU E 315 -0.34 -26.76 3.18
N LYS E 316 0.27 -27.88 2.84
CA LYS E 316 0.13 -29.10 3.63
C LYS E 316 0.17 -28.72 5.11
N PRO E 317 -0.94 -28.97 5.84
CA PRO E 317 -0.95 -28.64 7.27
C PRO E 317 0.22 -29.21 8.02
N GLN E 318 0.95 -28.33 8.71
CA GLN E 318 2.11 -28.73 9.50
C GLN E 318 1.64 -29.10 10.90
N LYS E 319 2.02 -28.29 11.88
CA LYS E 319 1.65 -28.47 13.28
C LYS E 319 2.07 -29.84 13.83
N ASP F 1 -18.96 -28.19 2.66
CA ASP F 1 -18.06 -28.28 1.48
C ASP F 1 -16.61 -28.23 1.92
N ASP F 2 -15.81 -29.17 1.42
CA ASP F 2 -14.39 -29.24 1.76
C ASP F 2 -13.69 -27.91 1.60
N VAL F 3 -13.68 -27.40 0.37
CA VAL F 3 -13.04 -26.13 0.06
C VAL F 3 -13.33 -25.04 1.09
N ALA F 4 -14.60 -24.89 1.46
CA ALA F 4 -14.98 -23.87 2.43
C ALA F 4 -14.34 -24.14 3.79
N ALA F 5 -14.27 -25.42 4.15
CA ALA F 5 -13.69 -25.81 5.43
C ALA F 5 -12.20 -25.58 5.44
N ARG F 6 -11.54 -25.94 4.34
CA ARG F 6 -10.11 -25.74 4.24
C ARG F 6 -9.81 -24.26 4.37
N LEU F 7 -10.46 -23.45 3.53
CA LEU F 7 -10.25 -22.01 3.54
C LEU F 7 -10.54 -21.45 4.92
N ARG F 8 -11.51 -22.05 5.59
CA ARG F 8 -11.90 -21.62 6.93
C ARG F 8 -10.68 -21.88 7.82
N ALA F 9 -10.10 -23.06 7.65
CA ALA F 9 -8.92 -23.47 8.42
C ALA F 9 -7.69 -22.62 8.08
N ALA F 10 -7.71 -22.02 6.89
CA ALA F 10 -6.61 -21.19 6.47
C ALA F 10 -6.82 -19.78 7.00
N GLY F 11 -7.91 -19.61 7.76
CA GLY F 11 -8.20 -18.30 8.33
C GLY F 11 -9.05 -17.38 7.48
N PHE F 12 -9.65 -17.91 6.41
CA PHE F 12 -10.49 -17.08 5.55
C PHE F 12 -11.72 -16.59 6.31
N GLY F 13 -12.09 -15.34 6.05
CA GLY F 13 -13.27 -14.76 6.69
C GLY F 13 -14.46 -14.84 5.76
N ALA F 14 -15.67 -14.82 6.33
CA ALA F 14 -16.89 -14.88 5.52
C ALA F 14 -17.51 -13.50 5.31
N VAL F 15 -17.63 -13.10 4.05
CA VAL F 15 -18.22 -11.82 3.72
C VAL F 15 -19.68 -12.02 3.31
N GLY F 16 -20.56 -11.30 3.99
CA GLY F 16 -21.99 -11.39 3.69
C GLY F 16 -22.67 -12.61 4.25
N ALA F 17 -23.97 -12.49 4.49
CA ALA F 17 -24.78 -13.59 5.04
C ALA F 17 -24.27 -14.02 6.41
N GLY F 18 -25.15 -13.93 7.40
CA GLY F 18 -24.77 -14.29 8.76
C GLY F 18 -24.10 -13.11 9.43
N ALA F 19 -23.09 -12.55 8.77
CA ALA F 19 -22.38 -11.41 9.31
C ALA F 19 -23.22 -10.14 9.24
N THR F 20 -23.16 -9.34 10.28
CA THR F 20 -23.92 -8.10 10.31
C THR F 20 -23.36 -7.20 9.21
N ALA F 21 -23.95 -6.03 9.02
CA ALA F 21 -23.46 -5.11 7.99
C ALA F 21 -22.05 -4.63 8.35
N GLU F 22 -21.88 -4.17 9.58
CA GLU F 22 -20.58 -3.69 10.05
C GLU F 22 -19.49 -4.75 9.92
N GLU F 23 -19.78 -5.96 10.41
CA GLU F 23 -18.83 -7.07 10.35
C GLU F 23 -18.42 -7.43 8.92
N THR F 24 -19.41 -7.64 8.05
CA THR F 24 -19.16 -8.00 6.66
C THR F 24 -18.49 -6.84 5.91
N ARG F 25 -18.63 -5.64 6.46
CA ARG F 25 -18.06 -4.44 5.87
C ARG F 25 -16.61 -4.30 6.35
N ARG F 26 -16.36 -4.76 7.57
CA ARG F 26 -15.03 -4.69 8.15
C ARG F 26 -14.17 -5.79 7.52
N MET F 27 -14.78 -6.94 7.26
CA MET F 27 -14.09 -8.07 6.63
C MET F 27 -13.40 -7.64 5.33
N LEU F 28 -14.20 -7.12 4.41
CA LEU F 28 -13.69 -6.69 3.13
C LEU F 28 -12.52 -5.74 3.29
N HIS F 29 -12.61 -4.85 4.26
CA HIS F 29 -11.52 -3.91 4.50
C HIS F 29 -10.24 -4.66 4.81
N ARG F 30 -10.33 -5.65 5.70
CA ARG F 30 -9.16 -6.44 6.06
C ARG F 30 -8.67 -7.09 4.77
N ALA F 31 -9.61 -7.67 4.02
CA ALA F 31 -9.32 -8.34 2.76
C ALA F 31 -8.51 -7.45 1.83
N PHE F 32 -8.98 -6.24 1.60
CA PHE F 32 -8.24 -5.31 0.72
C PHE F 32 -6.84 -5.09 1.27
N ASP F 33 -6.76 -5.03 2.59
CA ASP F 33 -5.49 -4.81 3.27
C ASP F 33 -4.51 -5.95 3.03
N THR F 34 -4.91 -7.16 3.36
CA THR F 34 -4.02 -8.30 3.17
C THR F 34 -3.76 -8.62 1.71
N LEU F 35 -4.62 -8.16 0.82
CA LEU F 35 -4.46 -8.41 -0.60
C LEU F 35 -3.74 -7.29 -1.36
N ALA F 36 -3.40 -6.21 -0.67
CA ALA F 36 -2.72 -5.09 -1.30
C ALA F 36 -1.36 -5.48 -1.86
N GLY G 28 27.92 20.56 23.28
CA GLY G 28 28.67 19.47 22.61
C GLY G 28 28.49 18.12 23.29
N ALA G 29 29.26 17.13 22.84
CA ALA G 29 29.19 15.80 23.42
C ALA G 29 29.89 15.82 24.78
N PRO G 30 29.29 15.18 25.80
CA PRO G 30 29.88 15.14 27.14
C PRO G 30 31.32 14.65 27.08
N CYS G 31 31.55 13.64 26.26
CA CYS G 31 32.88 13.07 26.08
C CYS G 31 33.39 13.47 24.71
N GLN G 32 34.57 14.08 24.67
CA GLN G 32 35.11 14.54 23.41
C GLN G 32 36.64 14.47 23.35
N VAL G 33 37.15 13.67 22.41
CA VAL G 33 38.59 13.51 22.23
C VAL G 33 39.02 14.11 20.88
N VAL G 34 40.12 14.84 20.88
CA VAL G 34 40.61 15.48 19.65
C VAL G 34 42.09 15.26 19.35
N LEU G 35 42.40 15.03 18.08
CA LEU G 35 43.78 14.80 17.66
C LEU G 35 44.17 15.69 16.48
N GLN G 36 45.09 16.61 16.71
CA GLN G 36 45.58 17.50 15.67
C GLN G 36 47.09 17.41 15.58
N GLY G 37 47.64 18.03 14.54
CA GLY G 37 49.08 18.02 14.35
C GLY G 37 49.80 18.28 15.65
N ALA G 38 50.68 17.35 16.01
CA ALA G 38 51.50 17.38 17.24
C ALA G 38 51.19 16.11 18.02
N GLU G 39 50.00 16.03 18.61
CA GLU G 39 49.64 14.84 19.34
C GLU G 39 49.10 13.79 18.38
N LEU G 40 48.60 14.24 17.23
CA LEU G 40 48.08 13.30 16.23
C LEU G 40 49.25 12.60 15.56
N ASN G 41 50.26 13.39 15.22
CA ASN G 41 51.46 12.86 14.59
C ASN G 41 52.08 11.89 15.58
N GLY G 42 52.05 12.26 16.86
CA GLY G 42 52.59 11.41 17.91
C GLY G 42 51.89 10.06 17.95
N ILE G 43 50.55 10.08 17.93
CA ILE G 43 49.77 8.85 17.95
C ILE G 43 50.13 8.03 16.71
N LEU G 44 50.20 8.69 15.56
CA LEU G 44 50.55 8.01 14.32
C LEU G 44 51.89 7.32 14.46
N GLN G 45 52.90 8.06 14.92
CA GLN G 45 54.22 7.48 15.11
C GLN G 45 54.16 6.20 15.95
N ALA G 46 53.29 6.21 16.95
CA ALA G 46 53.13 5.08 17.86
C ALA G 46 52.41 3.91 17.22
N PHE G 47 51.33 4.18 16.48
CA PHE G 47 50.58 3.10 15.85
C PHE G 47 51.26 2.51 14.62
N ALA G 48 52.22 3.23 14.07
CA ALA G 48 52.91 2.79 12.86
C ALA G 48 53.40 1.35 12.91
N PRO G 49 54.34 1.04 13.81
CA PRO G 49 54.86 -0.32 13.91
C PRO G 49 53.85 -1.38 14.38
N LEU G 50 52.77 -0.93 15.00
CA LEU G 50 51.76 -1.86 15.49
C LEU G 50 50.98 -2.45 14.34
N ARG G 51 51.05 -1.78 13.18
CA ARG G 51 50.37 -2.23 11.96
C ARG G 51 48.91 -2.62 12.16
N THR G 52 48.59 -3.89 11.96
CA THR G 52 47.21 -4.35 12.09
C THR G 52 46.94 -5.21 13.33
N SER G 53 47.93 -5.30 14.21
CA SER G 53 47.83 -6.12 15.41
C SER G 53 46.70 -5.77 16.38
N LEU G 54 46.24 -4.53 16.37
CA LEU G 54 45.17 -4.12 17.28
C LEU G 54 43.83 -3.77 16.63
N LEU G 55 43.77 -3.77 15.28
CA LEU G 55 42.54 -3.45 14.59
C LEU G 55 41.32 -4.15 15.15
N ASP G 56 41.53 -5.33 15.72
CA ASP G 56 40.42 -6.08 16.33
C ASP G 56 40.75 -6.06 17.80
N SER G 57 40.03 -5.25 18.57
CA SER G 57 40.30 -5.14 19.98
C SER G 57 39.19 -4.47 20.77
N LEU G 58 39.42 -4.34 22.07
CA LEU G 58 38.46 -3.70 22.96
C LEU G 58 39.01 -2.33 23.43
N LEU G 59 38.28 -1.27 23.10
CA LEU G 59 38.69 0.06 23.52
C LEU G 59 37.99 0.40 24.84
N VAL G 60 38.73 0.35 25.95
CA VAL G 60 38.14 0.69 27.24
C VAL G 60 38.53 2.13 27.54
N MET G 61 37.57 3.03 27.43
CA MET G 61 37.87 4.42 27.70
C MET G 61 37.07 5.01 28.84
N GLY G 62 37.59 6.12 29.37
CA GLY G 62 36.96 6.81 30.47
C GLY G 62 37.91 7.94 30.77
N ASP G 63 37.93 8.42 32.01
CA ASP G 63 38.89 9.48 32.31
C ASP G 63 40.22 8.73 32.31
N ARG G 64 41.31 9.47 32.42
CA ARG G 64 42.64 8.84 32.40
C ARG G 64 43.04 8.50 30.98
N GLY G 65 42.09 8.03 30.17
CA GLY G 65 42.38 7.72 28.78
C GLY G 65 41.70 6.48 28.20
N ILE G 66 42.14 6.09 27.01
CA ILE G 66 41.62 4.91 26.34
C ILE G 66 42.59 3.76 26.55
N LEU G 67 42.10 2.64 27.08
CA LEU G 67 42.95 1.46 27.30
C LEU G 67 42.60 0.40 26.26
N ILE G 68 43.47 0.22 25.28
CA ILE G 68 43.21 -0.75 24.23
C ILE G 68 43.68 -2.12 24.66
N HIS G 69 42.76 -3.08 24.66
CA HIS G 69 43.08 -4.44 25.06
C HIS G 69 42.88 -5.43 23.93
N ASN G 70 43.77 -6.41 23.84
CA ASN G 70 43.71 -7.42 22.79
C ASN G 70 44.27 -8.76 23.28
N THR G 71 44.35 -9.71 22.36
CA THR G 71 44.89 -11.04 22.66
C THR G 71 45.62 -11.50 21.40
N ILE G 72 46.92 -11.74 21.55
CA ILE G 72 47.74 -12.19 20.43
C ILE G 72 48.39 -13.51 20.82
N PHE G 73 48.09 -14.55 20.03
CA PHE G 73 48.62 -15.87 20.28
C PHE G 73 48.21 -16.26 21.69
N GLY G 74 47.04 -15.80 22.09
CA GLY G 74 46.50 -16.10 23.41
C GLY G 74 47.07 -15.35 24.60
N GLU G 75 48.09 -14.53 24.38
CA GLU G 75 48.69 -13.76 25.47
C GLU G 75 48.06 -12.37 25.59
N GLN G 76 48.02 -11.85 26.82
CA GLN G 76 47.45 -10.54 27.12
C GLN G 76 48.23 -9.34 26.56
N VAL G 77 47.58 -8.52 25.74
CA VAL G 77 48.18 -7.32 25.15
C VAL G 77 47.39 -6.05 25.51
N PHE G 78 48.11 -5.01 25.92
CA PHE G 78 47.49 -3.73 26.31
C PHE G 78 48.23 -2.52 25.72
N LEU G 79 47.47 -1.52 25.30
CA LEU G 79 48.05 -0.29 24.76
C LEU G 79 47.33 0.83 25.48
N PRO G 80 47.96 1.44 26.49
CA PRO G 80 47.34 2.54 27.23
C PRO G 80 47.60 3.91 26.60
N LEU G 81 46.54 4.58 26.17
CA LEU G 81 46.70 5.91 25.59
C LEU G 81 46.29 6.94 26.64
N GLU G 82 47.27 7.45 27.38
CA GLU G 82 47.02 8.46 28.42
C GLU G 82 46.37 9.68 27.80
N HIS G 83 45.35 10.22 28.46
CA HIS G 83 44.66 11.39 27.94
C HIS G 83 45.68 12.48 27.59
N SER G 84 46.75 12.56 28.38
CA SER G 84 47.77 13.56 28.12
C SER G 84 48.35 13.43 26.72
N GLN G 85 48.06 12.32 26.04
CA GLN G 85 48.58 12.12 24.69
C GLN G 85 47.66 12.67 23.58
N PHE G 86 46.50 13.17 23.96
CA PHE G 86 45.57 13.74 22.99
C PHE G 86 45.60 15.27 23.01
N SER G 87 45.22 15.89 21.90
CA SER G 87 45.24 17.35 21.84
C SER G 87 44.28 17.88 22.89
N ARG G 88 43.11 17.27 22.99
CA ARG G 88 42.08 17.65 23.95
C ARG G 88 41.36 16.38 24.34
N TYR G 89 41.03 16.24 25.62
CA TYR G 89 40.37 15.03 26.09
C TYR G 89 39.42 15.34 27.24
N ARG G 90 38.12 15.26 26.96
CA ARG G 90 37.12 15.53 27.97
C ARG G 90 36.26 14.31 28.17
N TRP G 91 36.04 13.92 29.42
CA TRP G 91 35.22 12.75 29.73
C TRP G 91 34.24 13.02 30.87
N ARG G 92 33.12 12.30 30.84
CA ARG G 92 32.08 12.41 31.86
C ARG G 92 31.33 11.10 31.80
N GLY G 93 30.80 10.66 32.94
CA GLY G 93 30.05 9.43 32.97
C GLY G 93 30.89 8.20 33.26
N PRO G 94 30.23 7.04 33.50
CA PRO G 94 30.93 5.79 33.79
C PRO G 94 31.93 5.48 32.68
N THR G 95 32.82 4.53 32.93
CA THR G 95 33.79 4.15 31.92
C THR G 95 33.00 3.36 30.86
N ALA G 96 33.38 3.57 29.60
CA ALA G 96 32.71 2.91 28.48
C ALA G 96 33.65 2.01 27.69
N ALA G 97 33.13 0.87 27.25
CA ALA G 97 33.91 -0.08 26.46
C ALA G 97 33.29 -0.17 25.06
N PHE G 98 34.14 -0.27 24.04
CA PHE G 98 33.71 -0.38 22.66
C PHE G 98 34.59 -1.37 21.89
N LEU G 99 33.96 -2.22 21.08
CA LEU G 99 34.74 -3.14 20.26
C LEU G 99 35.28 -2.28 19.14
N SER G 100 36.48 -2.58 18.69
CA SER G 100 37.10 -1.79 17.62
C SER G 100 36.47 -2.01 16.25
N LEU G 101 36.01 -3.22 16.01
CA LEU G 101 35.42 -3.56 14.72
C LEU G 101 34.03 -3.01 14.51
N VAL G 102 33.81 -2.46 13.32
CA VAL G 102 32.53 -1.91 12.92
C VAL G 102 32.32 -2.38 11.49
N ASP G 103 31.57 -3.46 11.33
CA ASP G 103 31.31 -4.03 10.01
C ASP G 103 32.59 -4.68 9.49
N GLN G 104 32.88 -5.86 10.04
CA GLN G 104 34.04 -6.66 9.68
C GLN G 104 35.33 -5.88 9.40
N LYS G 105 35.60 -5.60 8.13
CA LYS G 105 36.82 -4.91 7.71
C LYS G 105 36.84 -3.38 7.81
N ARG G 106 36.45 -2.87 8.97
CA ARG G 106 36.43 -1.43 9.24
C ARG G 106 36.63 -1.31 10.74
N SER G 107 37.75 -0.70 11.14
CA SER G 107 38.05 -0.56 12.57
C SER G 107 38.20 0.86 13.03
N LEU G 108 37.89 1.09 14.31
CA LEU G 108 38.02 2.40 14.92
C LEU G 108 39.49 2.77 15.00
N LEU G 109 40.36 1.80 14.83
CA LEU G 109 41.80 2.08 14.89
C LEU G 109 42.47 2.11 13.53
N SER G 110 41.72 1.71 12.50
CA SER G 110 42.22 1.69 11.13
C SER G 110 42.74 3.08 10.76
N VAL G 111 42.05 4.11 11.22
CA VAL G 111 42.42 5.49 10.95
C VAL G 111 43.89 5.76 11.25
N PHE G 112 44.43 5.04 12.21
CA PHE G 112 45.81 5.23 12.63
C PHE G 112 46.79 4.33 11.88
N ARG G 113 46.25 3.44 11.05
CA ARG G 113 47.06 2.52 10.25
C ARG G 113 48.12 3.28 9.45
N ALA G 114 49.27 2.64 9.27
CA ALA G 114 50.43 3.18 8.55
C ALA G 114 50.17 4.32 7.55
N ASN G 115 49.48 4.04 6.45
CA ASN G 115 49.21 5.08 5.45
C ASN G 115 47.78 5.13 4.90
N GLN G 116 46.84 4.52 5.60
CA GLN G 116 45.46 4.52 5.12
C GLN G 116 44.93 5.91 4.78
N TYR G 117 45.48 6.92 5.43
CA TYR G 117 45.08 8.30 5.22
C TYR G 117 46.31 9.18 5.20
N PRO G 118 47.03 9.19 4.06
CA PRO G 118 48.25 9.99 3.91
C PRO G 118 48.00 11.50 3.90
N ASP G 119 46.96 11.93 4.62
CA ASP G 119 46.63 13.36 4.69
C ASP G 119 45.88 13.68 5.98
N LEU G 120 45.74 12.68 6.84
CA LEU G 120 45.02 12.85 8.10
C LEU G 120 45.35 14.19 8.75
N ARG G 121 44.31 14.98 8.99
CA ARG G 121 44.47 16.30 9.58
C ARG G 121 43.97 16.37 11.01
N ARG G 122 42.82 15.73 11.23
CA ARG G 122 42.18 15.76 12.54
C ARG G 122 41.34 14.50 12.71
N VAL G 123 41.23 14.03 13.95
CA VAL G 123 40.45 12.85 14.24
C VAL G 123 39.76 13.15 15.54
N GLU G 124 38.45 13.00 15.58
CA GLU G 124 37.70 13.26 16.80
C GLU G 124 36.91 12.05 17.21
N LEU G 125 36.63 11.98 18.51
CA LEU G 125 35.86 10.89 19.11
C LEU G 125 34.83 11.59 19.97
N ALA G 126 33.57 11.18 19.85
CA ALA G 126 32.51 11.79 20.63
C ALA G 126 31.56 10.74 21.15
N ILE G 127 31.39 10.71 22.47
CA ILE G 127 30.49 9.74 23.06
C ILE G 127 29.29 10.48 23.62
N THR G 128 28.11 10.15 23.08
CA THR G 128 26.88 10.79 23.51
C THR G 128 25.89 9.77 23.98
N GLY G 129 24.90 10.21 24.76
CA GLY G 129 23.89 9.31 25.25
C GLY G 129 23.97 9.04 26.74
N GLN G 130 23.22 8.04 27.17
CA GLN G 130 23.19 7.68 28.58
C GLN G 130 23.68 6.26 28.71
N ALA G 131 24.48 6.00 29.74
CA ALA G 131 24.98 4.65 29.95
C ALA G 131 23.76 3.80 30.29
N PRO G 132 23.77 2.52 29.88
CA PRO G 132 24.82 1.84 29.12
C PRO G 132 24.53 1.84 27.61
N PHE G 133 23.94 2.92 27.11
CA PHE G 133 23.61 2.97 25.70
C PHE G 133 24.16 4.19 25.00
N ARG G 134 25.40 4.53 25.32
CA ARG G 134 26.04 5.65 24.68
C ARG G 134 26.60 5.10 23.39
N THR G 135 27.06 5.98 22.52
CA THR G 135 27.63 5.55 21.26
C THR G 135 28.79 6.48 20.91
N LEU G 136 29.79 5.92 20.22
CA LEU G 136 30.97 6.66 19.82
C LEU G 136 30.90 7.02 18.34
N VAL G 137 31.38 8.23 18.04
CA VAL G 137 31.38 8.69 16.65
C VAL G 137 32.77 9.20 16.27
N GLN G 138 33.36 8.54 15.27
CA GLN G 138 34.69 8.91 14.82
C GLN G 138 34.62 9.71 13.52
N ARG G 139 35.00 10.97 13.59
CA ARG G 139 34.98 11.84 12.42
C ARG G 139 36.42 12.06 11.98
N ILE G 140 36.66 11.96 10.68
CA ILE G 140 38.01 12.12 10.15
C ILE G 140 38.16 13.29 9.19
N TRP G 141 39.15 14.12 9.45
CA TRP G 141 39.43 15.31 8.64
C TRP G 141 40.73 15.12 7.87
N THR G 142 40.72 15.57 6.62
CA THR G 142 41.89 15.45 5.74
C THR G 142 42.07 16.80 5.03
N THR G 143 43.00 16.90 4.10
CA THR G 143 43.20 18.14 3.35
C THR G 143 42.49 17.92 2.00
N THR G 144 41.32 18.55 1.83
CA THR G 144 40.54 18.38 0.60
C THR G 144 40.39 19.62 -0.30
N SER G 145 39.45 19.54 -1.24
CA SER G 145 39.17 20.61 -2.20
C SER G 145 39.13 22.00 -1.57
N ASP G 146 38.71 22.06 -0.31
CA ASP G 146 38.60 23.32 0.44
C ASP G 146 39.96 23.97 0.65
N GLY G 147 39.95 25.20 1.13
CA GLY G 147 41.20 25.91 1.39
C GLY G 147 41.83 25.45 2.70
N GLU G 148 41.19 24.47 3.34
CA GLU G 148 41.66 23.94 4.61
C GLU G 148 41.34 22.44 4.67
N ALA G 149 41.15 21.93 5.89
CA ALA G 149 40.82 20.52 6.08
C ALA G 149 39.34 20.36 5.73
N VAL G 150 38.89 19.13 5.54
CA VAL G 150 37.48 18.88 5.21
C VAL G 150 36.98 17.58 5.83
N GLU G 151 35.82 17.66 6.50
CA GLU G 151 35.24 16.51 7.17
C GLU G 151 34.80 15.39 6.23
N LEU G 152 35.60 14.32 6.15
CA LEU G 152 35.26 13.19 5.29
C LEU G 152 34.06 12.48 5.89
N ALA G 153 32.91 13.16 5.87
CA ALA G 153 31.65 12.66 6.43
C ALA G 153 31.35 11.18 6.15
N SER G 154 31.73 10.69 4.97
CA SER G 154 31.48 9.30 4.60
C SER G 154 32.32 8.34 5.43
N GLU G 155 33.48 8.83 5.89
CA GLU G 155 34.38 8.02 6.70
C GLU G 155 33.91 7.86 8.14
N THR G 156 32.98 8.72 8.55
CA THR G 156 32.43 8.68 9.90
C THR G 156 32.08 7.24 10.34
N LEU G 157 32.43 6.91 11.58
CA LEU G 157 32.15 5.59 12.14
C LEU G 157 31.37 5.71 13.44
N MET G 158 30.42 4.80 13.64
CA MET G 158 29.63 4.78 14.86
C MET G 158 29.78 3.41 15.49
N LYS G 159 29.73 3.35 16.81
CA LYS G 159 29.82 2.08 17.52
C LYS G 159 29.13 2.25 18.85
N ARG G 160 28.20 1.35 19.13
CA ARG G 160 27.45 1.39 20.38
C ARG G 160 28.28 0.88 21.53
N GLU G 161 28.03 1.44 22.71
CA GLU G 161 28.70 1.04 23.93
C GLU G 161 28.37 -0.45 24.13
N LEU G 162 29.16 -1.15 24.94
CA LEU G 162 28.92 -2.57 25.13
C LEU G 162 27.82 -3.02 26.08
N THR G 163 27.17 -2.08 26.76
CA THR G 163 26.08 -2.44 27.67
C THR G 163 26.66 -3.12 28.90
N SER G 164 27.35 -4.23 28.68
CA SER G 164 27.99 -4.97 29.76
C SER G 164 29.35 -5.49 29.28
N PHE G 165 30.36 -5.40 30.14
CA PHE G 165 31.68 -5.88 29.78
C PHE G 165 32.57 -6.03 31.01
N VAL G 166 33.58 -6.88 30.88
CA VAL G 166 34.54 -7.10 31.96
C VAL G 166 35.91 -7.41 31.34
N VAL G 167 36.92 -6.67 31.78
CA VAL G 167 38.26 -6.89 31.28
C VAL G 167 39.19 -7.03 32.48
N LEU G 168 39.97 -8.10 32.50
CA LEU G 168 40.92 -8.29 33.58
C LEU G 168 42.15 -7.50 33.20
N VAL G 169 42.54 -6.57 34.06
CA VAL G 169 43.68 -5.71 33.79
C VAL G 169 44.78 -5.78 34.85
N PRO G 170 46.05 -5.78 34.42
CA PRO G 170 47.15 -5.83 35.38
C PRO G 170 47.14 -4.62 36.29
N GLN G 171 47.60 -4.82 37.53
CA GLN G 171 47.69 -3.74 38.51
C GLN G 171 48.73 -4.14 39.55
N GLY G 172 49.17 -3.20 40.36
CA GLY G 172 50.18 -3.52 41.35
C GLY G 172 51.56 -3.00 40.95
N THR G 173 52.50 -3.05 41.90
CA THR G 173 53.86 -2.58 41.64
C THR G 173 54.81 -3.73 41.35
N PRO G 174 55.55 -3.64 40.24
CA PRO G 174 56.48 -4.71 39.90
C PRO G 174 57.61 -4.81 40.94
N ASP G 175 57.97 -6.05 41.28
CA ASP G 175 59.03 -6.27 42.26
C ASP G 175 60.38 -5.86 41.67
N VAL G 176 60.58 -6.17 40.39
CA VAL G 176 61.81 -5.82 39.72
C VAL G 176 61.52 -5.31 38.32
N GLN G 177 62.41 -4.47 37.80
CA GLN G 177 62.29 -3.93 36.46
C GLN G 177 63.67 -3.90 35.80
N LEU G 178 63.73 -4.32 34.55
CA LEU G 178 64.98 -4.31 33.80
C LEU G 178 64.71 -3.73 32.41
N ARG G 179 65.23 -2.53 32.15
CA ARG G 179 65.03 -1.88 30.86
C ARG G 179 66.09 -2.34 29.85
N LEU G 180 65.62 -2.92 28.75
CA LEU G 180 66.53 -3.40 27.70
C LEU G 180 66.40 -2.60 26.42
N THR G 181 67.50 -2.53 25.68
CA THR G 181 67.54 -1.82 24.39
C THR G 181 67.03 -2.81 23.36
N ARG G 182 66.71 -2.33 22.16
CA ARG G 182 66.21 -3.20 21.10
C ARG G 182 67.05 -4.47 20.90
N PRO G 183 68.36 -4.31 20.68
CA PRO G 183 69.19 -5.51 20.49
C PRO G 183 69.18 -6.42 21.71
N GLN G 184 69.21 -5.82 22.90
CA GLN G 184 69.21 -6.59 24.14
C GLN G 184 67.91 -7.40 24.30
N LEU G 185 66.78 -6.83 23.90
CA LEU G 185 65.49 -7.51 24.00
C LEU G 185 65.38 -8.61 22.95
N THR G 186 65.88 -8.34 21.75
CA THR G 186 65.85 -9.34 20.69
C THR G 186 66.76 -10.50 21.09
N LYS G 187 67.87 -10.17 21.73
CA LYS G 187 68.81 -11.19 22.18
C LYS G 187 68.16 -12.07 23.24
N VAL G 188 67.32 -11.48 24.07
CA VAL G 188 66.62 -12.23 25.12
C VAL G 188 65.56 -13.11 24.48
N LEU G 189 64.89 -12.60 23.45
CA LEU G 189 63.84 -13.36 22.76
C LEU G 189 64.38 -14.52 21.95
N ASN G 190 65.53 -14.33 21.28
CA ASN G 190 66.14 -15.39 20.48
C ASN G 190 66.65 -16.49 21.40
N ALA G 191 66.78 -16.15 22.69
CA ALA G 191 67.27 -17.11 23.66
C ALA G 191 66.16 -17.89 24.35
N THR G 192 64.90 -17.49 24.12
CA THR G 192 63.77 -18.18 24.73
C THR G 192 63.32 -19.37 23.89
N GLY G 193 62.86 -20.42 24.55
CA GLY G 193 62.39 -21.60 23.84
C GLY G 193 60.93 -21.39 23.51
N ALA G 194 60.58 -21.50 22.23
CA ALA G 194 59.20 -21.29 21.78
C ALA G 194 58.30 -22.52 21.81
N ASP G 195 58.36 -23.29 22.89
CA ASP G 195 57.50 -24.47 23.03
C ASP G 195 57.50 -24.99 24.46
N SER G 196 56.51 -25.84 24.77
CA SER G 196 56.38 -26.40 26.11
C SER G 196 57.52 -27.35 26.43
N ALA G 197 58.17 -27.86 25.39
CA ALA G 197 59.28 -28.79 25.57
C ALA G 197 60.50 -28.10 26.18
N THR G 198 60.83 -26.92 25.66
CA THR G 198 61.99 -26.18 26.16
C THR G 198 61.62 -24.96 27.01
N PRO G 199 61.48 -25.15 28.33
CA PRO G 199 61.12 -24.03 29.21
C PRO G 199 62.23 -22.99 29.27
N THR G 200 61.86 -21.75 29.54
CA THR G 200 62.82 -20.66 29.65
C THR G 200 62.91 -20.14 31.08
N THR G 201 64.12 -19.85 31.54
CA THR G 201 64.30 -19.34 32.91
C THR G 201 64.82 -17.92 32.94
N PHE G 202 64.21 -17.12 33.83
CA PHE G 202 64.64 -15.75 34.03
C PHE G 202 65.19 -15.69 35.42
N GLU G 203 66.45 -15.29 35.56
CA GLU G 203 67.07 -15.23 36.87
C GLU G 203 67.80 -13.93 37.14
N LEU G 204 67.64 -13.40 38.34
CA LEU G 204 68.31 -12.18 38.76
C LEU G 204 69.15 -12.64 39.95
N GLY G 205 70.45 -12.61 39.79
CA GLY G 205 71.32 -13.06 40.85
C GLY G 205 72.12 -11.96 41.54
N VAL G 206 73.14 -12.41 42.27
CA VAL G 206 74.01 -11.51 42.99
C VAL G 206 74.62 -10.49 42.04
N ASN G 207 74.88 -9.30 42.57
CA ASN G 207 75.48 -8.21 41.80
C ASN G 207 74.81 -7.91 40.48
N GLY G 208 73.49 -7.88 40.49
CA GLY G 208 72.73 -7.55 39.30
C GLY G 208 72.96 -8.43 38.10
N LYS G 209 73.37 -9.67 38.31
CA LYS G 209 73.60 -10.55 37.18
C LYS G 209 72.23 -11.03 36.70
N PHE G 210 71.88 -10.67 35.46
CA PHE G 210 70.59 -11.05 34.90
C PHE G 210 70.78 -12.09 33.80
N SER G 211 70.09 -13.22 33.92
CA SER G 211 70.26 -14.27 32.93
C SER G 211 68.96 -14.81 32.39
N VAL G 212 68.98 -15.17 31.12
CA VAL G 212 67.82 -15.75 30.46
C VAL G 212 68.37 -17.00 29.81
N PHE G 213 67.95 -18.16 30.28
CA PHE G 213 68.46 -19.40 29.70
C PHE G 213 67.46 -20.54 29.46
N THR G 214 67.92 -21.50 28.67
CA THR G 214 67.18 -22.71 28.34
C THR G 214 68.26 -23.78 28.39
N THR G 215 67.89 -25.05 28.18
CA THR G 215 68.91 -26.08 28.24
C THR G 215 69.99 -25.79 27.21
N SER G 216 69.68 -24.99 26.21
CA SER G 216 70.65 -24.71 25.15
C SER G 216 70.91 -23.27 24.77
N THR G 217 70.39 -22.31 25.53
CA THR G 217 70.65 -20.91 25.22
C THR G 217 71.04 -20.18 26.50
N CYS G 218 71.59 -18.99 26.32
CA CYS G 218 71.98 -18.21 27.46
C CYS G 218 72.34 -16.79 27.07
N VAL G 219 71.88 -15.86 27.89
CA VAL G 219 72.17 -14.47 27.68
C VAL G 219 72.29 -13.96 29.08
N THR G 220 73.33 -13.18 29.34
CA THR G 220 73.50 -12.63 30.67
C THR G 220 73.85 -11.15 30.50
N PHE G 221 73.26 -10.32 31.35
CA PHE G 221 73.52 -8.91 31.31
C PHE G 221 73.88 -8.52 32.72
N ALA G 222 74.40 -7.31 32.86
CA ALA G 222 74.78 -6.79 34.17
C ALA G 222 73.85 -5.62 34.45
N ALA G 223 73.00 -5.78 35.45
CA ALA G 223 72.06 -4.74 35.79
C ALA G 223 72.65 -3.67 36.70
N ARG G 224 72.41 -2.40 36.36
CA ARG G 224 72.87 -1.30 37.20
C ARG G 224 71.62 -0.72 37.86
N GLU G 225 71.69 -0.50 39.16
CA GLU G 225 70.56 0.03 39.94
C GLU G 225 70.22 1.50 39.69
N GLU G 226 68.92 1.80 39.55
CA GLU G 226 68.48 3.19 39.35
C GLU G 226 67.54 3.67 40.45
N GLY G 227 67.02 2.74 41.25
CA GLY G 227 66.10 3.11 42.30
C GLY G 227 66.77 3.80 43.45
N VAL G 228 66.15 4.83 43.99
CA VAL G 228 66.72 5.56 45.10
C VAL G 228 66.85 4.67 46.32
N SER G 229 65.73 4.07 46.72
CA SER G 229 65.71 3.20 47.90
C SER G 229 66.76 2.11 47.84
N SER G 230 66.70 1.29 46.79
CA SER G 230 67.64 0.18 46.63
C SER G 230 69.08 0.61 46.55
N SER G 231 69.31 1.71 45.83
CA SER G 231 70.65 2.23 45.64
C SER G 231 71.32 2.75 46.93
N THR G 232 70.56 3.49 47.73
CA THR G 232 71.12 4.05 48.96
C THR G 232 71.15 3.04 50.11
N SER G 233 70.38 1.96 49.98
CA SER G 233 70.33 0.94 51.02
C SER G 233 71.27 -0.24 50.76
N THR G 234 71.84 -0.31 49.57
CA THR G 234 72.75 -1.41 49.23
C THR G 234 74.14 -0.90 48.91
N ASN G 252 79.85 -3.48 29.15
CA ASN G 252 79.89 -3.15 27.74
C ASN G 252 78.44 -3.03 27.21
N ALA G 253 78.14 -3.72 26.12
CA ALA G 253 76.81 -3.72 25.54
C ALA G 253 75.97 -4.69 26.35
N LYS G 254 76.58 -5.18 27.43
CA LYS G 254 75.96 -6.15 28.31
C LYS G 254 75.21 -5.48 29.46
N THR G 255 75.56 -4.22 29.75
CA THR G 255 74.91 -3.51 30.85
C THR G 255 73.46 -3.15 30.55
N VAL G 256 72.62 -3.25 31.58
CA VAL G 256 71.20 -2.97 31.49
C VAL G 256 70.85 -2.16 32.73
N TYR G 257 69.72 -1.47 32.70
CA TYR G 257 69.34 -0.67 33.86
C TYR G 257 68.08 -1.19 34.53
N GLY G 258 68.10 -1.20 35.87
CA GLY G 258 66.97 -1.73 36.57
C GLY G 258 66.57 -1.11 37.88
N GLU G 259 65.43 -1.56 38.37
CA GLU G 259 64.86 -1.07 39.61
C GLU G 259 64.70 -2.22 40.59
N ASN G 260 65.31 -2.06 41.77
CA ASN G 260 65.30 -3.06 42.83
C ASN G 260 66.00 -4.33 42.36
N THR G 261 67.21 -4.14 41.86
CA THR G 261 68.03 -5.23 41.35
C THR G 261 68.56 -6.09 42.48
N HIS G 262 68.31 -5.66 43.71
CA HIS G 262 68.76 -6.40 44.88
C HIS G 262 67.82 -7.57 45.14
N ARG G 263 66.60 -7.51 44.61
CA ARG G 263 65.61 -8.57 44.78
C ARG G 263 65.85 -9.73 43.82
N THR G 264 66.84 -10.56 44.12
CA THR G 264 67.18 -11.70 43.29
C THR G 264 65.97 -12.61 43.16
N PHE G 265 65.95 -13.43 42.12
CA PHE G 265 64.81 -14.33 41.89
C PHE G 265 65.10 -15.23 40.70
N SER G 266 64.27 -16.26 40.56
CA SER G 266 64.38 -17.20 39.46
C SER G 266 62.96 -17.66 39.11
N VAL G 267 62.56 -17.42 37.86
CA VAL G 267 61.22 -17.79 37.42
C VAL G 267 61.32 -18.46 36.06
N VAL G 268 60.39 -19.34 35.77
CA VAL G 268 60.39 -19.99 34.47
C VAL G 268 59.05 -19.76 33.76
N VAL G 269 59.13 -19.43 32.48
CA VAL G 269 57.93 -19.24 31.68
C VAL G 269 57.88 -20.49 30.80
N ASP G 270 57.14 -21.49 31.29
CA ASP G 270 57.01 -22.76 30.59
C ASP G 270 56.26 -22.64 29.28
N ASP G 271 55.48 -21.56 29.14
CA ASP G 271 54.70 -21.33 27.93
C ASP G 271 55.58 -21.31 26.69
N CYS G 272 55.22 -20.47 25.73
CA CYS G 272 55.95 -20.37 24.47
C CYS G 272 55.27 -19.38 23.52
N SER G 273 55.40 -18.09 23.83
CA SER G 273 54.77 -17.08 23.00
C SER G 273 55.53 -15.75 22.94
N MET G 274 56.21 -15.41 24.03
CA MET G 274 56.95 -14.15 24.09
C MET G 274 57.51 -13.62 22.78
N ARG G 275 58.43 -14.36 22.16
CA ARG G 275 59.05 -13.92 20.92
C ARG G 275 58.07 -13.77 19.77
N ALA G 276 57.07 -14.63 19.72
CA ALA G 276 56.08 -14.55 18.66
C ALA G 276 55.27 -13.27 18.83
N VAL G 277 54.64 -13.14 19.99
CA VAL G 277 53.85 -11.95 20.27
C VAL G 277 54.64 -10.64 20.10
N LEU G 278 55.80 -10.56 20.75
CA LEU G 278 56.60 -9.34 20.66
C LEU G 278 57.13 -9.01 19.28
N ARG G 279 57.43 -10.02 18.47
CA ARG G 279 57.92 -9.74 17.14
C ARG G 279 56.74 -9.30 16.27
N ARG G 280 55.54 -9.81 16.57
CA ARG G 280 54.36 -9.43 15.81
C ARG G 280 54.05 -7.96 16.06
N LEU G 281 54.12 -7.55 17.33
CA LEU G 281 53.87 -6.17 17.73
C LEU G 281 55.07 -5.31 17.35
N GLN G 282 56.13 -5.97 16.88
CA GLN G 282 57.36 -5.30 16.48
C GLN G 282 57.93 -4.38 17.54
N VAL G 283 58.00 -4.87 18.78
CA VAL G 283 58.55 -4.08 19.87
C VAL G 283 60.06 -3.95 19.69
N GLY G 284 60.57 -2.73 19.76
CA GLY G 284 61.99 -2.54 19.58
C GLY G 284 62.59 -2.34 20.96
N GLY G 285 62.67 -3.41 21.74
CA GLY G 285 63.20 -3.25 23.07
C GLY G 285 62.24 -2.59 24.06
N GLY G 286 62.26 -3.05 25.30
CA GLY G 286 61.38 -2.50 26.32
C GLY G 286 61.88 -2.81 27.72
N THR G 287 61.00 -2.69 28.70
CA THR G 287 61.40 -2.96 30.06
C THR G 287 60.68 -4.21 30.59
N LEU G 288 61.41 -5.07 31.31
CA LEU G 288 60.82 -6.29 31.82
C LEU G 288 60.39 -6.05 33.26
N LYS G 289 59.09 -6.08 33.48
CA LYS G 289 58.51 -5.86 34.80
C LYS G 289 58.12 -7.22 35.40
N PHE G 290 58.80 -7.62 36.47
CA PHE G 290 58.51 -8.89 37.09
C PHE G 290 57.63 -8.72 38.32
N PHE G 291 56.50 -9.43 38.31
CA PHE G 291 55.57 -9.39 39.45
C PHE G 291 55.72 -10.77 40.11
N LEU G 292 56.43 -10.78 41.22
CA LEU G 292 56.74 -12.00 41.94
C LEU G 292 55.92 -12.35 43.16
N THR G 293 55.30 -11.35 43.80
CA THR G 293 54.52 -11.60 45.01
C THR G 293 53.24 -12.46 44.88
N THR G 294 52.47 -12.32 43.81
CA THR G 294 51.23 -13.11 43.65
C THR G 294 51.48 -14.62 43.53
N PRO G 295 50.43 -15.44 43.74
CA PRO G 295 50.49 -16.91 43.66
C PRO G 295 50.92 -17.37 42.28
N VAL G 296 50.64 -16.54 41.30
CA VAL G 296 51.05 -16.82 39.94
C VAL G 296 51.82 -15.57 39.52
N PRO G 297 53.15 -15.68 39.44
CA PRO G 297 53.92 -14.51 39.03
C PRO G 297 53.69 -14.20 37.57
N SER G 298 53.91 -12.95 37.18
CA SER G 298 53.70 -12.54 35.80
C SER G 298 54.83 -11.65 35.35
N LEU G 299 55.05 -11.61 34.04
CA LEU G 299 56.09 -10.78 33.45
C LEU G 299 55.47 -9.87 32.40
N CYS G 300 55.46 -8.58 32.67
CA CYS G 300 54.93 -7.61 31.73
C CYS G 300 56.06 -6.95 30.98
N VAL G 301 56.00 -7.00 29.65
CA VAL G 301 57.03 -6.39 28.81
C VAL G 301 56.44 -5.15 28.12
N THR G 302 56.76 -3.98 28.64
CA THR G 302 56.27 -2.72 28.08
C THR G 302 57.29 -2.08 27.12
N ALA G 303 56.90 -1.97 25.85
CA ALA G 303 57.75 -1.40 24.81
C ALA G 303 58.27 -0.02 25.18
N THR G 304 59.42 0.35 24.63
CA THR G 304 60.01 1.66 24.89
C THR G 304 60.13 2.46 23.58
N GLY G 305 59.77 1.82 22.47
CA GLY G 305 59.86 2.49 21.19
C GLY G 305 58.85 3.62 21.07
N PRO G 306 58.34 3.87 19.85
CA PRO G 306 57.37 4.93 19.57
C PRO G 306 56.04 4.72 20.32
N ASN G 307 55.85 3.52 20.86
CA ASN G 307 54.65 3.21 21.64
C ASN G 307 55.03 2.43 22.89
N ALA G 308 54.08 2.33 23.82
CA ALA G 308 54.30 1.62 25.07
C ALA G 308 53.37 0.43 25.20
N VAL G 309 53.22 -0.34 24.13
CA VAL G 309 52.35 -1.52 24.20
C VAL G 309 52.95 -2.47 25.21
N SER G 310 52.11 -3.35 25.74
CA SER G 310 52.58 -4.32 26.71
C SER G 310 51.99 -5.69 26.41
N ALA G 311 52.74 -6.72 26.80
CA ALA G 311 52.32 -8.11 26.64
C ALA G 311 52.59 -8.68 28.03
N VAL G 312 51.57 -9.29 28.63
CA VAL G 312 51.75 -9.84 29.97
C VAL G 312 51.69 -11.34 29.92
N PHE G 313 52.77 -11.98 30.35
CA PHE G 313 52.85 -13.45 30.35
C PHE G 313 52.89 -13.97 31.76
N LEU G 314 52.30 -15.14 31.98
CA LEU G 314 52.27 -15.73 33.31
C LEU G 314 53.45 -16.68 33.46
N LEU G 315 54.00 -16.73 34.67
CA LEU G 315 55.14 -17.59 34.91
C LEU G 315 54.78 -18.80 35.75
N LYS G 316 55.41 -19.93 35.43
CA LYS G 316 55.18 -21.18 36.15
C LYS G 316 55.10 -20.86 37.64
N PRO G 317 53.93 -21.10 38.26
CA PRO G 317 53.80 -20.81 39.69
C PRO G 317 54.90 -21.43 40.54
N GLN G 318 55.58 -20.59 41.31
CA GLN G 318 56.67 -21.05 42.16
C GLN G 318 56.07 -21.44 43.51
N LYS G 319 56.38 -20.67 44.54
CA LYS G 319 55.88 -20.89 45.90
C LYS G 319 56.23 -22.28 46.44
N ASP H 1 36.44 -19.97 33.57
CA ASP H 1 37.45 -20.04 32.47
C ASP H 1 38.86 -20.02 33.07
N ASP H 2 39.69 -20.96 32.63
CA ASP H 2 41.07 -21.06 33.11
C ASP H 2 41.79 -19.72 33.06
N VAL H 3 41.93 -19.18 31.86
CA VAL H 3 42.62 -17.92 31.66
C VAL H 3 42.23 -16.86 32.68
N ALA H 4 40.93 -16.69 32.92
CA ALA H 4 40.45 -15.70 33.87
C ALA H 4 40.94 -16.03 35.27
N ALA H 5 40.96 -17.31 35.61
CA ALA H 5 41.40 -17.75 36.93
C ALA H 5 42.89 -17.54 37.11
N ARG H 6 43.67 -17.86 36.07
CA ARG H 6 45.10 -17.69 36.14
C ARG H 6 45.40 -16.22 36.34
N LEU H 7 44.86 -15.38 35.45
CA LEU H 7 45.07 -13.93 35.53
C LEU H 7 44.62 -13.41 36.88
N ARG H 8 43.59 -14.02 37.44
CA ARG H 8 43.07 -13.62 38.74
C ARG H 8 44.18 -13.93 39.75
N ALA H 9 44.78 -15.09 39.61
CA ALA H 9 45.85 -15.55 40.49
C ALA H 9 47.11 -14.72 40.30
N ALA H 10 47.23 -14.08 39.15
CA ALA H 10 48.39 -13.25 38.86
C ALA H 10 48.12 -11.85 39.40
N GLY H 11 46.99 -11.69 40.08
CA GLY H 11 46.66 -10.40 40.65
C GLY H 11 45.90 -9.44 39.74
N PHE H 12 45.43 -9.92 38.59
CA PHE H 12 44.68 -9.05 37.68
C PHE H 12 43.37 -8.58 38.32
N GLY H 13 43.04 -7.31 38.06
CA GLY H 13 41.81 -6.75 38.59
C GLY H 13 40.71 -6.78 37.54
N ALA H 14 39.46 -6.73 37.97
CA ALA H 14 38.33 -6.76 37.04
C ALA H 14 37.74 -5.38 36.79
N VAL H 15 37.79 -4.94 35.55
CA VAL H 15 37.24 -3.64 35.19
C VAL H 15 35.84 -3.80 34.62
N GLY H 16 34.87 -3.11 35.23
CA GLY H 16 33.49 -3.16 34.78
C GLY H 16 32.74 -4.40 35.23
N ALA H 17 31.42 -4.27 35.33
CA ALA H 17 30.55 -5.36 35.75
C ALA H 17 30.89 -5.84 37.16
N GLY H 18 29.93 -5.76 38.06
CA GLY H 18 30.16 -6.17 39.43
C GLY H 18 30.76 -5.02 40.21
N ALA H 19 31.83 -4.45 39.68
CA ALA H 19 32.51 -3.33 40.32
C ALA H 19 31.68 -2.07 40.21
N THR H 20 31.65 -1.28 41.28
CA THR H 20 30.90 -0.03 41.26
C THR H 20 31.59 0.89 40.25
N ALA H 21 31.04 2.07 40.03
CA ALA H 21 31.64 3.01 39.09
C ALA H 21 33.00 3.45 39.61
N GLU H 22 33.05 3.88 40.87
CA GLU H 22 34.29 4.33 41.48
C GLU H 22 35.38 3.25 41.45
N GLU H 23 35.02 2.03 41.84
CA GLU H 23 35.95 0.91 41.87
C GLU H 23 36.51 0.58 40.49
N THR H 24 35.62 0.43 39.51
CA THR H 24 36.01 0.10 38.14
C THR H 24 36.77 1.27 37.51
N ARG H 25 36.56 2.45 38.07
CA ARG H 25 37.23 3.65 37.59
C ARG H 25 38.61 3.76 38.24
N ARG H 26 38.73 3.27 39.46
CA ARG H 26 39.99 3.28 40.17
C ARG H 26 40.91 2.21 39.59
N MET H 27 40.33 1.07 39.24
CA MET H 27 41.08 -0.04 38.64
C MET H 27 41.90 0.43 37.45
N LEU H 28 41.20 0.99 36.46
CA LEU H 28 41.87 1.45 35.25
C LEU H 28 43.02 2.38 35.57
N HIS H 29 42.83 3.24 36.56
CA HIS H 29 43.89 4.15 36.95
C HIS H 29 45.13 3.37 37.37
N ARG H 30 44.94 2.36 38.21
CA ARG H 30 46.04 1.52 38.67
C ARG H 30 46.66 0.90 37.43
N ALA H 31 45.81 0.35 36.57
CA ALA H 31 46.23 -0.27 35.31
C ALA H 31 47.13 0.63 34.50
N PHE H 32 46.71 1.85 34.25
CA PHE H 32 47.52 2.81 33.49
C PHE H 32 48.85 3.01 34.20
N ASP H 33 48.80 3.00 35.53
CA ASP H 33 49.99 3.19 36.34
C ASP H 33 50.98 2.05 36.18
N THR H 34 50.54 0.83 36.41
CA THR H 34 51.44 -0.31 36.28
C THR H 34 51.85 -0.61 34.85
N LEU H 35 51.10 -0.07 33.89
CA LEU H 35 51.41 -0.30 32.48
C LEU H 35 52.21 0.83 31.82
N ALA H 36 52.47 1.89 32.58
CA ALA H 36 53.23 3.03 32.05
C ALA H 36 54.64 2.60 31.63
#